data_5KCQ
#
_entry.id   5KCQ
#
_cell.length_a   96.330
_cell.length_b   135.670
_cell.length_c   68.610
_cell.angle_alpha   90.00
_cell.angle_beta   90.00
_cell.angle_gamma   90.00
#
_symmetry.space_group_name_H-M   'P 21 21 2'
#
loop_
_entity.id
_entity.type
_entity.pdbx_description
1 polymer 'aromatic prenyltransferase'
2 non-polymer 'GERANYL S-THIOLODIPHOSPHATE'
3 water water
#
_entity_poly.entity_id   1
_entity_poly.type   'polypeptide(L)'
_entity_poly.pdbx_seq_one_letter_code
;GPLGSRPWQILSQALGFPNYDQELWWQNTAETLNRVLEQCDYSVHLQYKYLAFYHKYILPSLGPFRRPGVEPEYISGLSH
GGHPLEISVKIDKSKTICRLGLQAIGPLAGTARDPLNSFGDRELLKNLATLLPHVDLRLFDHFNAQVGLDRAQCAVATTK
LIKESHNIVCTSLDLKDGEVIPKVYFSTIPKGLVTETPLFDLTFAAIEQMEVYHKDAPLRTALSSLKDFLRPRVPTDASI
TPPLTGLIGVDCIDPMLSRLKVYLATFRMDLSLIRDYWTLGGLLTDAGTMKGLEMVETLAKTLKLGDEACETLDAERLPF
GINYAMKPGTAELAPPQIYFPLLGINDGFIADALVEFFQYMGWEDQANRYKDELKAKFPNVDISQTKNVHRWLGVAYSET
KGPSMNIYYDVVAGNVARV
;
_entity_poly.pdbx_strand_id   A,B
#
# COMPACT_ATOMS: atom_id res chain seq x y z
N ARG A 6 38.41 1.11 -7.40
CA ARG A 6 37.10 1.26 -8.20
C ARG A 6 35.98 1.35 -7.18
N PRO A 7 34.93 2.06 -7.54
CA PRO A 7 33.86 2.29 -6.57
C PRO A 7 33.26 1.05 -5.91
N TRP A 8 33.09 -0.03 -6.64
CA TRP A 8 32.44 -1.21 -6.08
C TRP A 8 33.36 -1.83 -5.02
N GLN A 9 34.66 -1.66 -5.18
CA GLN A 9 35.63 -2.24 -4.27
C GLN A 9 35.72 -1.36 -3.03
N ILE A 10 35.75 -0.06 -3.26
CA ILE A 10 35.84 0.92 -2.17
C ILE A 10 34.62 0.79 -1.26
N LEU A 11 33.45 0.65 -1.85
CA LEU A 11 32.23 0.54 -1.04
C LEU A 11 32.23 -0.79 -0.27
N SER A 12 32.73 -1.88 -0.87
CA SER A 12 32.84 -3.13 -0.12
C SER A 12 33.75 -2.91 1.08
N GLN A 13 34.85 -2.18 0.91
CA GLN A 13 35.77 -1.90 2.02
C GLN A 13 35.22 -1.00 3.12
N ALA A 14 34.47 0.03 2.73
CA ALA A 14 33.85 0.97 3.64
C ALA A 14 32.67 0.44 4.42
N LEU A 15 31.85 -0.41 3.78
CA LEU A 15 30.54 -0.76 4.26
C LEU A 15 30.45 -2.17 4.79
N GLY A 16 31.28 -3.09 4.27
CA GLY A 16 31.18 -4.51 4.60
C GLY A 16 29.79 -5.01 4.29
N PHE A 17 29.35 -6.01 5.02
CA PHE A 17 28.11 -6.72 4.81
C PHE A 17 27.47 -7.19 6.14
N PRO A 18 26.16 -7.04 6.27
CA PRO A 18 25.38 -7.40 7.50
C PRO A 18 25.32 -8.93 7.62
N ASN A 19 25.44 -9.63 6.48
CA ASN A 19 25.40 -11.08 6.44
C ASN A 19 26.05 -11.62 5.18
N TYR A 20 26.20 -12.93 5.14
CA TYR A 20 26.89 -13.59 4.06
C TYR A 20 26.10 -13.62 2.74
N ASP A 21 24.78 -13.65 2.76
CA ASP A 21 24.07 -13.59 1.52
C ASP A 21 24.25 -12.21 0.81
N GLN A 22 24.26 -11.12 1.59
CA GLN A 22 24.48 -9.82 0.98
C GLN A 22 25.89 -9.73 0.35
N GLU A 23 26.85 -10.36 1.03
CA GLU A 23 28.27 -10.40 0.54
C GLU A 23 28.37 -11.15 -0.77
N LEU A 24 27.65 -12.28 -0.86
CA LEU A 24 27.63 -13.06 -2.05
C LEU A 24 26.89 -12.31 -3.18
N TRP A 25 25.80 -11.65 -2.88
CA TRP A 25 25.14 -10.81 -3.89
C TRP A 25 26.13 -9.75 -4.45
N TRP A 26 26.87 -9.14 -3.57
CA TRP A 26 27.82 -8.13 -4.01
C TRP A 26 28.91 -8.73 -4.88
N GLN A 27 29.50 -9.84 -4.41
CA GLN A 27 30.60 -10.52 -5.13
C GLN A 27 30.17 -11.12 -6.45
N ASN A 28 28.85 -11.28 -6.66
CA ASN A 28 28.31 -11.75 -7.96
C ASN A 28 27.62 -10.70 -8.83
N THR A 29 27.54 -9.45 -8.38
CA THR A 29 26.84 -8.45 -9.13
C THR A 29 27.43 -7.04 -9.22
N ALA A 30 28.20 -6.61 -8.24
CA ALA A 30 28.49 -5.23 -8.15
C ALA A 30 29.60 -4.80 -9.10
N GLU A 31 30.50 -5.71 -9.37
CA GLU A 31 31.60 -5.39 -10.31
C GLU A 31 30.96 -5.20 -11.69
N THR A 32 30.08 -6.12 -12.06
CA THR A 32 29.31 -5.90 -13.28
C THR A 32 28.56 -4.60 -13.30
N LEU A 33 27.77 -4.33 -12.25
CA LEU A 33 27.07 -3.10 -12.23
C LEU A 33 28.01 -1.88 -12.37
N ASN A 34 29.10 -1.86 -11.68
CA ASN A 34 30.03 -0.71 -11.77
C ASN A 34 30.55 -0.57 -13.23
N ARG A 35 30.82 -1.70 -13.86
CA ARG A 35 31.24 -1.73 -15.27
C ARG A 35 30.22 -1.13 -16.22
N VAL A 36 28.99 -1.58 -16.08
CA VAL A 36 27.91 -1.02 -16.85
C VAL A 36 27.84 0.51 -16.68
N LEU A 37 27.89 0.99 -15.45
CA LEU A 37 27.80 2.44 -15.23
C LEU A 37 29.00 3.18 -15.88
N GLU A 38 30.19 2.61 -15.80
CA GLU A 38 31.35 3.20 -16.46
C GLU A 38 31.11 3.27 -17.95
N GLN A 39 30.60 2.18 -18.52
CA GLN A 39 30.40 2.01 -19.95
C GLN A 39 29.35 2.93 -20.48
N CYS A 40 28.40 3.29 -19.64
CA CYS A 40 27.44 4.26 -19.95
C CYS A 40 27.83 5.73 -19.71
N ASP A 41 29.06 5.98 -19.34
CA ASP A 41 29.57 7.35 -19.19
C ASP A 41 28.90 8.07 -18.00
N TYR A 42 28.55 7.32 -16.94
CA TYR A 42 28.19 7.94 -15.68
C TYR A 42 29.52 8.43 -15.04
N SER A 43 29.51 9.63 -14.52
CA SER A 43 30.59 10.19 -13.76
C SER A 43 30.86 9.35 -12.54
N VAL A 44 32.06 9.52 -11.97
CA VAL A 44 32.51 8.74 -10.83
C VAL A 44 31.51 9.01 -9.69
N HIS A 45 31.07 10.25 -9.53
CA HIS A 45 30.14 10.61 -8.46
C HIS A 45 28.79 9.86 -8.61
N LEU A 46 28.33 9.62 -9.84
CA LEU A 46 27.08 8.92 -9.99
C LEU A 46 27.32 7.42 -9.82
N GLN A 47 28.54 6.94 -10.15
CA GLN A 47 28.89 5.57 -9.94
C GLN A 47 28.79 5.28 -8.43
N TYR A 48 29.42 6.15 -7.64
CA TYR A 48 29.27 6.08 -6.17
C TYR A 48 27.84 6.18 -5.70
N LYS A 49 27.07 7.13 -6.25
CA LYS A 49 25.70 7.27 -5.84
C LYS A 49 24.92 6.02 -6.02
N TYR A 50 24.98 5.47 -7.23
CA TYR A 50 24.20 4.27 -7.51
C TYR A 50 24.70 2.98 -6.83
N LEU A 51 26.01 2.80 -6.71
CA LEU A 51 26.56 1.62 -6.05
C LEU A 51 26.31 1.65 -4.53
N ALA A 52 26.41 2.84 -3.96
CA ALA A 52 26.03 3.00 -2.49
C ALA A 52 24.52 2.78 -2.24
N PHE A 53 23.70 3.36 -3.08
CA PHE A 53 22.25 3.04 -3.13
C PHE A 53 21.97 1.54 -3.22
N TYR A 54 22.68 0.86 -4.12
CA TYR A 54 22.51 -0.54 -4.36
C TYR A 54 22.86 -1.32 -3.08
N HIS A 55 23.98 -0.98 -2.47
CA HIS A 55 24.42 -1.65 -1.25
C HIS A 55 23.39 -1.52 -0.11
N LYS A 56 22.90 -0.32 0.07
CA LYS A 56 22.01 -0.03 1.18
C LYS A 56 20.62 -0.50 1.01
N TYR A 57 20.04 -0.26 -0.17
CA TYR A 57 18.62 -0.54 -0.43
C TYR A 57 18.31 -1.84 -1.15
N ILE A 58 19.18 -2.23 -2.09
CA ILE A 58 18.88 -3.37 -2.91
C ILE A 58 19.45 -4.66 -2.34
N LEU A 59 20.67 -4.67 -1.83
CA LEU A 59 21.20 -5.93 -1.27
C LEU A 59 20.28 -6.60 -0.25
N PRO A 60 19.70 -5.85 0.72
CA PRO A 60 18.85 -6.53 1.69
C PRO A 60 17.56 -6.98 1.08
N SER A 61 17.16 -6.32 0.00
CA SER A 61 15.92 -6.65 -0.68
C SER A 61 16.07 -7.94 -1.52
N LEU A 62 17.28 -8.35 -1.86
CA LEU A 62 17.49 -9.53 -2.72
C LEU A 62 17.40 -10.90 -2.03
N GLY A 63 17.31 -10.91 -0.70
CA GLY A 63 17.16 -12.12 0.07
C GLY A 63 18.36 -13.00 -0.03
N PRO A 64 18.16 -14.31 0.16
CA PRO A 64 19.29 -15.20 0.15
C PRO A 64 19.75 -15.41 -1.26
N PHE A 65 21.02 -15.78 -1.35
CA PHE A 65 21.68 -15.95 -2.65
C PHE A 65 21.64 -17.46 -2.89
N ARG A 66 20.80 -17.88 -3.82
CA ARG A 66 20.65 -19.28 -4.18
C ARG A 66 21.96 -19.77 -4.75
N ARG A 67 22.41 -20.87 -4.22
CA ARG A 67 23.69 -21.45 -4.55
C ARG A 67 23.69 -22.94 -4.18
N PRO A 68 24.65 -23.71 -4.72
CA PRO A 68 24.71 -25.12 -4.38
C PRO A 68 24.70 -25.36 -2.86
N GLY A 69 23.86 -26.26 -2.39
CA GLY A 69 23.80 -26.56 -0.94
C GLY A 69 22.85 -25.65 -0.16
N VAL A 70 22.35 -24.55 -0.77
CA VAL A 70 21.49 -23.57 -0.03
C VAL A 70 20.33 -23.17 -0.92
N GLU A 71 19.17 -23.82 -0.71
CA GLU A 71 18.00 -23.59 -1.54
C GLU A 71 17.04 -22.66 -0.80
N PRO A 72 16.81 -21.44 -1.28
CA PRO A 72 15.84 -20.61 -0.59
C PRO A 72 14.46 -21.16 -0.63
N GLU A 73 13.57 -20.65 0.23
CA GLU A 73 12.15 -20.96 0.13
C GLU A 73 11.47 -20.26 -1.06
N TYR A 74 11.99 -19.13 -1.55
CA TYR A 74 11.37 -18.37 -2.65
C TYR A 74 12.36 -18.45 -3.83
N ILE A 75 11.85 -18.87 -4.98
CA ILE A 75 12.58 -18.99 -6.21
C ILE A 75 11.94 -18.00 -7.22
N SER A 76 12.77 -17.12 -7.78
CA SER A 76 12.28 -16.06 -8.68
C SER A 76 12.31 -16.55 -10.15
N GLY A 77 11.37 -16.08 -10.95
CA GLY A 77 11.40 -16.34 -12.39
C GLY A 77 12.17 -15.26 -13.14
N LEU A 78 12.84 -14.35 -12.45
CA LEU A 78 13.49 -13.22 -13.13
C LEU A 78 14.77 -13.65 -13.79
N SER A 79 15.32 -14.80 -13.37
CA SER A 79 16.58 -15.22 -13.91
C SER A 79 16.61 -16.72 -14.07
N HIS A 80 17.65 -17.21 -14.72
CA HIS A 80 17.76 -18.63 -15.00
C HIS A 80 18.04 -19.41 -13.70
N GLY A 81 18.88 -18.87 -12.82
CA GLY A 81 19.28 -19.63 -11.62
C GLY A 81 18.34 -19.43 -10.43
N GLY A 82 17.25 -18.71 -10.66
CA GLY A 82 16.29 -18.42 -9.60
C GLY A 82 16.52 -17.20 -8.71
N HIS A 83 17.52 -16.39 -9.08
CA HIS A 83 17.92 -15.10 -8.45
C HIS A 83 17.01 -13.94 -8.89
N PRO A 84 16.45 -13.18 -7.91
CA PRO A 84 15.48 -12.14 -8.19
C PRO A 84 16.16 -10.85 -8.66
N LEU A 85 16.97 -10.92 -9.72
CA LEU A 85 17.69 -9.71 -10.19
C LEU A 85 17.97 -9.79 -11.66
N GLU A 86 17.80 -8.65 -12.35
CA GLU A 86 18.28 -8.44 -13.69
C GLU A 86 18.88 -7.07 -13.78
N ILE A 87 19.83 -6.91 -14.69
CA ILE A 87 20.33 -5.58 -15.02
C ILE A 87 20.12 -5.37 -16.51
N SER A 88 19.59 -4.21 -16.88
CA SER A 88 19.40 -3.90 -18.27
C SER A 88 20.02 -2.59 -18.65
N VAL A 89 20.33 -2.43 -19.94
CA VAL A 89 20.72 -1.15 -20.50
C VAL A 89 19.74 -0.75 -21.58
N LYS A 90 19.48 0.53 -21.69
CA LYS A 90 18.63 1.07 -22.72
C LYS A 90 19.49 1.97 -23.60
N ILE A 91 19.59 1.61 -24.86
CA ILE A 91 20.53 2.21 -25.74
C ILE A 91 19.77 3.07 -26.75
N ASP A 92 20.18 4.33 -26.86
CA ASP A 92 19.84 5.33 -27.95
C ASP A 92 21.05 5.65 -28.82
N LYS A 93 20.81 6.50 -29.80
CA LYS A 93 21.87 7.13 -30.59
C LYS A 93 22.84 7.88 -29.68
N SER A 94 22.29 8.79 -28.87
CA SER A 94 23.04 9.73 -28.01
C SER A 94 23.52 9.16 -26.65
N LYS A 95 22.81 8.19 -26.09
CA LYS A 95 23.07 7.74 -24.72
C LYS A 95 22.66 6.32 -24.39
N THR A 96 23.20 5.82 -23.27
CA THR A 96 22.84 4.51 -22.73
C THR A 96 22.57 4.73 -21.24
N ILE A 97 21.45 4.19 -20.79
CA ILE A 97 21.16 4.25 -19.36
C ILE A 97 20.98 2.80 -18.83
N CYS A 98 21.26 2.64 -17.55
CA CYS A 98 21.28 1.37 -16.83
C CYS A 98 19.95 1.29 -15.98
N ARG A 99 19.35 0.12 -15.87
CA ARG A 99 18.15 -0.10 -15.11
C ARG A 99 18.36 -1.39 -14.28
N LEU A 100 17.82 -1.41 -13.05
CA LEU A 100 17.81 -2.62 -12.19
C LEU A 100 16.43 -3.18 -12.18
N GLY A 101 16.29 -4.49 -12.29
CA GLY A 101 14.96 -5.13 -12.11
C GLY A 101 15.10 -6.13 -10.96
N LEU A 102 14.16 -6.15 -10.01
CA LEU A 102 14.27 -7.12 -8.96
C LEU A 102 12.89 -7.53 -8.46
N GLN A 103 12.88 -8.54 -7.60
CA GLN A 103 11.84 -8.69 -6.61
C GLN A 103 12.43 -8.49 -5.27
N ALA A 104 11.79 -7.67 -4.46
CA ALA A 104 12.19 -7.49 -3.08
C ALA A 104 11.62 -8.64 -2.25
N ILE A 105 12.49 -9.47 -1.69
CA ILE A 105 12.07 -10.73 -1.03
C ILE A 105 11.84 -10.50 0.43
N GLY A 106 10.60 -10.71 0.91
CA GLY A 106 10.37 -10.66 2.36
C GLY A 106 11.00 -11.86 3.04
N PRO A 107 11.25 -11.75 4.35
CA PRO A 107 11.84 -12.76 5.13
C PRO A 107 10.95 -14.03 5.39
N LEU A 108 9.68 -14.00 5.05
CA LEU A 108 8.85 -15.23 5.11
C LEU A 108 8.34 -15.64 3.71
N ALA A 109 8.90 -14.98 2.67
CA ALA A 109 8.47 -15.27 1.31
C ALA A 109 8.49 -16.77 0.99
N GLY A 110 7.53 -17.22 0.21
CA GLY A 110 7.45 -18.64 -0.23
C GLY A 110 7.11 -19.63 0.91
N THR A 111 6.61 -19.15 2.05
CA THR A 111 6.14 -19.98 3.12
C THR A 111 4.69 -19.62 3.43
N ALA A 112 4.08 -20.35 4.34
CA ALA A 112 2.62 -20.15 4.63
C ALA A 112 2.22 -18.69 4.97
N ARG A 113 3.11 -17.98 5.66
CA ARG A 113 2.79 -16.61 6.05
C ARG A 113 2.95 -15.59 4.93
N ASP A 114 3.55 -15.97 3.81
CA ASP A 114 3.66 -15.06 2.66
C ASP A 114 3.87 -15.85 1.37
N PRO A 115 2.84 -16.58 0.90
CA PRO A 115 3.13 -17.56 -0.21
C PRO A 115 3.53 -16.93 -1.54
N LEU A 116 3.09 -15.69 -1.82
CA LEU A 116 3.43 -15.06 -3.10
C LEU A 116 4.34 -13.82 -3.01
N ASN A 117 5.05 -13.69 -1.90
CA ASN A 117 5.98 -12.57 -1.62
C ASN A 117 5.29 -11.25 -1.83
N SER A 118 4.22 -11.06 -1.09
CA SER A 118 3.26 -9.92 -1.34
C SER A 118 3.62 -8.58 -0.69
N PHE A 119 4.64 -8.54 0.15
CA PHE A 119 4.94 -7.33 0.99
C PHE A 119 6.30 -6.68 0.72
N GLY A 120 7.30 -7.43 0.26
CA GLY A 120 8.67 -6.88 0.22
C GLY A 120 8.78 -5.68 -0.72
N ASP A 121 8.12 -5.72 -1.89
CA ASP A 121 8.35 -4.62 -2.91
C ASP A 121 7.79 -3.31 -2.42
N ARG A 122 6.63 -3.38 -1.78
CA ARG A 122 6.08 -2.17 -1.17
C ARG A 122 6.95 -1.64 -0.04
N GLU A 123 7.53 -2.51 0.76
CA GLU A 123 8.38 -2.07 1.83
C GLU A 123 9.62 -1.30 1.27
N LEU A 124 10.23 -1.84 0.22
CA LEU A 124 11.28 -1.16 -0.49
C LEU A 124 10.79 0.18 -1.01
N LEU A 125 9.65 0.19 -1.66
CA LEU A 125 9.13 1.45 -2.14
C LEU A 125 8.89 2.51 -1.06
N LYS A 126 8.39 2.09 0.11
CA LYS A 126 8.27 3.03 1.23
C LYS A 126 9.62 3.64 1.58
N ASN A 127 10.67 2.80 1.69
CA ASN A 127 12.00 3.35 1.94
C ASN A 127 12.46 4.27 0.83
N LEU A 128 12.16 3.94 -0.42
CA LEU A 128 12.50 4.89 -1.50
C LEU A 128 11.72 6.24 -1.39
N ALA A 129 10.48 6.20 -0.89
CA ALA A 129 9.64 7.39 -0.75
C ALA A 129 10.18 8.34 0.34
N THR A 130 10.90 7.87 1.37
CA THR A 130 11.55 8.81 2.28
C THR A 130 12.94 9.19 1.78
N LEU A 131 13.48 8.40 0.86
CA LEU A 131 14.78 8.72 0.25
C LEU A 131 14.69 9.82 -0.86
N LEU A 132 13.72 9.69 -1.73
CA LEU A 132 13.63 10.45 -2.97
C LEU A 132 12.32 11.30 -2.96
N PRO A 133 12.37 12.62 -3.25
CA PRO A 133 11.16 13.47 -3.25
C PRO A 133 10.12 13.15 -4.31
N HIS A 134 10.47 12.56 -5.45
CA HIS A 134 9.43 12.39 -6.47
C HIS A 134 8.84 11.00 -6.58
N VAL A 135 9.03 10.14 -5.56
CA VAL A 135 8.48 8.78 -5.54
C VAL A 135 7.08 8.82 -5.04
N ASP A 136 6.19 8.15 -5.75
CA ASP A 136 4.78 8.26 -5.46
C ASP A 136 4.25 6.86 -5.45
N LEU A 137 3.54 6.50 -4.41
CA LEU A 137 3.04 5.14 -4.21
C LEU A 137 1.58 4.97 -4.52
N ARG A 138 0.92 5.98 -5.03
CA ARG A 138 -0.54 5.84 -5.20
C ARG A 138 -0.92 4.80 -6.22
N LEU A 139 -0.25 4.76 -7.36
CA LEU A 139 -0.60 3.75 -8.35
C LEU A 139 -0.16 2.36 -7.94
N PHE A 140 0.96 2.23 -7.25
CA PHE A 140 1.27 0.98 -6.64
C PHE A 140 0.11 0.50 -5.76
N ASP A 141 -0.35 1.37 -4.86
CA ASP A 141 -1.36 0.94 -3.93
C ASP A 141 -2.66 0.64 -4.61
N HIS A 142 -3.01 1.44 -5.64
CA HIS A 142 -4.19 1.12 -6.41
C HIS A 142 -4.20 -0.30 -6.96
N PHE A 143 -3.15 -0.64 -7.74
CA PHE A 143 -3.10 -2.00 -8.35
C PHE A 143 -2.87 -3.17 -7.34
N ASN A 144 -2.20 -2.89 -6.26
CA ASN A 144 -2.04 -3.88 -5.20
C ASN A 144 -3.43 -4.17 -4.64
N ALA A 145 -4.25 -3.13 -4.56
CA ALA A 145 -5.61 -3.32 -4.08
C ALA A 145 -6.46 -4.15 -5.06
N GLN A 146 -6.29 -3.93 -6.37
CA GLN A 146 -7.15 -4.54 -7.37
C GLN A 146 -6.72 -5.93 -7.76
N VAL A 147 -5.43 -6.17 -7.80
CA VAL A 147 -4.93 -7.46 -8.27
C VAL A 147 -4.21 -8.30 -7.17
N GLY A 148 -4.01 -7.73 -5.99
CA GLY A 148 -3.33 -8.44 -4.86
C GLY A 148 -4.34 -9.42 -4.24
N LEU A 149 -3.82 -10.36 -3.47
CA LEU A 149 -4.64 -11.41 -2.97
C LEU A 149 -4.38 -11.51 -1.48
N ASP A 150 -5.38 -11.98 -0.74
CA ASP A 150 -5.15 -12.31 0.68
C ASP A 150 -4.39 -13.63 0.87
N ARG A 151 -4.06 -13.96 2.14
CA ARG A 151 -3.16 -15.09 2.37
C ARG A 151 -3.75 -16.36 1.82
N ALA A 152 -5.01 -16.63 2.13
CA ALA A 152 -5.64 -17.92 1.69
C ALA A 152 -5.66 -18.02 0.13
N GLN A 153 -6.00 -16.94 -0.54
CA GLN A 153 -5.96 -16.87 -2.01
C GLN A 153 -4.55 -17.06 -2.54
N CYS A 154 -3.56 -16.47 -1.88
CA CYS A 154 -2.15 -16.64 -2.26
C CYS A 154 -1.79 -18.14 -2.15
N ALA A 155 -2.22 -18.79 -1.06
CA ALA A 155 -1.98 -20.23 -0.93
C ALA A 155 -2.66 -21.01 -2.04
N VAL A 156 -3.91 -20.68 -2.38
CA VAL A 156 -4.55 -21.35 -3.53
C VAL A 156 -3.72 -21.16 -4.80
N ALA A 157 -3.31 -19.94 -5.05
CA ALA A 157 -2.57 -19.65 -6.29
C ALA A 157 -1.32 -20.49 -6.35
N THR A 158 -0.64 -20.70 -5.22
CA THR A 158 0.60 -21.49 -5.27
C THR A 158 0.39 -22.93 -5.71
N THR A 159 -0.81 -23.49 -5.45
CA THR A 159 -1.13 -24.85 -5.90
C THR A 159 -1.39 -24.90 -7.40
N LYS A 160 -1.58 -23.75 -8.04
CA LYS A 160 -1.85 -23.72 -9.47
C LYS A 160 -0.74 -23.13 -10.34
N LEU A 161 0.41 -22.81 -9.75
CA LEU A 161 1.47 -22.15 -10.44
C LEU A 161 2.76 -22.88 -10.09
N ILE A 162 3.70 -22.92 -11.03
CA ILE A 162 5.00 -23.50 -10.81
C ILE A 162 5.75 -22.53 -9.86
N LYS A 163 6.72 -23.06 -9.13
CA LYS A 163 7.48 -22.29 -8.09
C LYS A 163 8.04 -20.94 -8.58
N GLU A 164 8.56 -20.92 -9.79
CA GLU A 164 9.13 -19.69 -10.40
C GLU A 164 8.06 -18.64 -10.73
N SER A 165 6.77 -18.97 -10.61
CA SER A 165 5.75 -17.97 -10.85
C SER A 165 4.92 -17.64 -9.62
N HIS A 166 5.50 -17.86 -8.45
CA HIS A 166 4.82 -17.51 -7.20
C HIS A 166 5.04 -16.05 -6.81
N ASN A 167 4.51 -15.15 -7.61
CA ASN A 167 4.75 -13.73 -7.41
C ASN A 167 3.53 -12.95 -7.84
N ILE A 168 3.43 -11.73 -7.36
CA ILE A 168 2.42 -10.79 -7.79
C ILE A 168 3.00 -9.48 -8.28
N VAL A 169 4.19 -9.08 -7.85
CA VAL A 169 4.72 -7.83 -8.27
C VAL A 169 6.23 -7.93 -8.50
N CYS A 170 6.77 -7.02 -9.30
CA CYS A 170 8.23 -6.79 -9.38
C CYS A 170 8.48 -5.38 -9.69
N THR A 171 9.71 -4.99 -9.44
CA THR A 171 10.08 -3.62 -9.39
C THR A 171 11.25 -3.37 -10.36
N SER A 172 11.30 -2.22 -11.05
CA SER A 172 12.50 -1.80 -11.85
C SER A 172 12.84 -0.45 -11.36
N LEU A 173 14.13 -0.11 -11.42
CA LEU A 173 14.59 1.17 -10.95
C LEU A 173 15.43 1.72 -12.10
N ASP A 174 14.95 2.77 -12.77
CA ASP A 174 15.76 3.44 -13.85
C ASP A 174 16.78 4.37 -13.26
N LEU A 175 18.03 4.17 -13.63
CA LEU A 175 19.11 4.97 -13.05
C LEU A 175 19.37 6.10 -14.08
N LYS A 176 18.55 7.12 -14.03
CA LYS A 176 18.55 8.15 -15.08
C LYS A 176 18.68 9.55 -14.52
N ASP A 177 19.40 10.41 -15.21
CA ASP A 177 19.51 11.86 -14.85
C ASP A 177 20.05 12.09 -13.44
N GLY A 178 20.94 11.23 -13.02
CA GLY A 178 21.31 11.20 -11.63
C GLY A 178 20.23 10.84 -10.60
N GLU A 179 19.10 10.27 -11.03
CA GLU A 179 18.00 9.98 -10.13
C GLU A 179 17.75 8.49 -10.15
N VAL A 180 16.86 8.02 -9.28
CA VAL A 180 16.36 6.63 -9.30
C VAL A 180 14.88 6.72 -9.55
N ILE A 181 14.41 6.12 -10.62
CA ILE A 181 13.01 6.22 -11.01
C ILE A 181 12.39 4.83 -10.93
N PRO A 182 11.53 4.59 -9.92
CA PRO A 182 10.91 3.27 -9.80
C PRO A 182 9.70 3.07 -10.65
N LYS A 183 9.52 1.82 -11.12
CA LYS A 183 8.36 1.39 -11.85
C LYS A 183 8.04 -0.03 -11.33
N VAL A 184 6.79 -0.44 -11.44
CA VAL A 184 6.44 -1.76 -11.00
C VAL A 184 5.53 -2.43 -12.01
N TYR A 185 5.48 -3.76 -11.94
CA TYR A 185 4.63 -4.60 -12.76
C TYR A 185 3.92 -5.56 -11.91
N PHE A 186 2.60 -5.59 -12.05
CA PHE A 186 1.72 -6.45 -11.30
C PHE A 186 1.30 -7.63 -12.21
N SER A 187 1.34 -8.85 -11.67
CA SER A 187 0.91 -10.03 -12.44
C SER A 187 -0.58 -10.17 -12.26
N THR A 188 -1.27 -10.44 -13.36
CA THR A 188 -2.69 -10.72 -13.37
C THR A 188 -3.06 -12.19 -13.19
N ILE A 189 -2.11 -13.09 -13.38
CA ILE A 189 -2.41 -14.51 -13.43
C ILE A 189 -2.90 -15.06 -12.09
N PRO A 190 -2.30 -14.61 -10.98
CA PRO A 190 -2.79 -15.28 -9.73
C PRO A 190 -4.24 -14.95 -9.41
N LYS A 191 -4.63 -13.69 -9.59
CA LYS A 191 -6.01 -13.34 -9.44
C LYS A 191 -6.95 -14.08 -10.45
N GLY A 192 -6.50 -14.17 -11.69
CA GLY A 192 -7.27 -14.90 -12.74
C GLY A 192 -7.50 -16.35 -12.34
N LEU A 193 -6.46 -16.99 -11.86
CA LEU A 193 -6.54 -18.39 -11.45
C LEU A 193 -7.41 -18.57 -10.24
N VAL A 194 -7.30 -17.67 -9.27
CA VAL A 194 -7.97 -17.91 -8.00
C VAL A 194 -9.41 -17.51 -8.17
N THR A 195 -9.70 -16.45 -8.96
CA THR A 195 -11.06 -16.03 -9.12
C THR A 195 -11.77 -16.72 -10.33
N GLU A 196 -11.03 -17.42 -11.17
CA GLU A 196 -11.56 -18.00 -12.43
C GLU A 196 -12.29 -16.92 -13.21
N THR A 197 -11.62 -15.80 -13.38
CA THR A 197 -12.08 -14.66 -14.16
C THR A 197 -11.14 -14.54 -15.36
N PRO A 198 -11.65 -14.08 -16.53
CA PRO A 198 -10.74 -13.88 -17.66
C PRO A 198 -9.69 -12.84 -17.38
N LEU A 199 -8.46 -13.07 -17.80
CA LEU A 199 -7.40 -12.12 -17.56
C LEU A 199 -7.77 -10.74 -18.15
N PHE A 200 -8.34 -10.74 -19.36
CA PHE A 200 -8.70 -9.51 -20.05
C PHE A 200 -9.70 -8.69 -19.17
N ASP A 201 -10.70 -9.35 -18.62
CA ASP A 201 -11.69 -8.68 -17.81
C ASP A 201 -11.08 -8.09 -16.53
N LEU A 202 -10.25 -8.88 -15.85
CA LEU A 202 -9.66 -8.38 -14.56
C LEU A 202 -8.65 -7.28 -14.77
N THR A 203 -7.89 -7.34 -15.88
CA THR A 203 -6.96 -6.30 -16.20
C THR A 203 -7.65 -4.97 -16.42
N PHE A 204 -8.62 -4.95 -17.33
CA PHE A 204 -9.34 -3.71 -17.61
C PHE A 204 -10.25 -3.26 -16.49
N ALA A 205 -10.84 -4.16 -15.69
CA ALA A 205 -11.62 -3.66 -14.55
C ALA A 205 -10.73 -2.91 -13.56
N ALA A 206 -9.51 -3.42 -13.31
CA ALA A 206 -8.58 -2.76 -12.39
C ALA A 206 -8.17 -1.38 -12.96
N ILE A 207 -7.85 -1.36 -14.23
CA ILE A 207 -7.48 -0.10 -14.89
C ILE A 207 -8.65 0.91 -14.85
N GLU A 208 -9.86 0.43 -15.09
CA GLU A 208 -10.98 1.33 -15.16
C GLU A 208 -11.37 1.94 -13.81
N GLN A 209 -10.85 1.38 -12.73
CA GLN A 209 -11.13 1.95 -11.40
C GLN A 209 -10.06 2.95 -10.94
N MET A 210 -9.04 3.18 -11.74
CA MET A 210 -8.03 4.14 -11.41
C MET A 210 -8.65 5.52 -11.27
N GLU A 211 -8.17 6.32 -10.31
CA GLU A 211 -8.61 7.73 -10.18
C GLU A 211 -8.35 8.53 -11.46
N VAL A 212 -7.15 8.38 -12.02
CA VAL A 212 -6.76 9.05 -13.26
C VAL A 212 -7.57 8.68 -14.49
N TYR A 213 -8.03 7.42 -14.56
CA TYR A 213 -8.92 7.00 -15.63
C TYR A 213 -10.27 7.81 -15.52
N HIS A 214 -10.83 7.92 -14.29
CA HIS A 214 -12.03 8.72 -14.06
C HIS A 214 -11.93 10.23 -14.42
N LYS A 215 -10.74 10.79 -14.37
CA LYS A 215 -10.46 12.18 -14.68
C LYS A 215 -9.93 12.41 -16.08
N ASP A 216 -9.44 11.40 -16.78
CA ASP A 216 -8.76 11.64 -18.02
C ASP A 216 -9.43 10.98 -19.28
N ALA A 217 -10.18 11.77 -20.05
CA ALA A 217 -10.87 11.31 -21.22
C ALA A 217 -9.90 10.70 -22.25
N PRO A 218 -8.77 11.34 -22.50
CA PRO A 218 -7.80 10.82 -23.42
C PRO A 218 -7.32 9.40 -23.08
N LEU A 219 -6.99 9.15 -21.81
CA LEU A 219 -6.56 7.81 -21.40
C LEU A 219 -7.69 6.82 -21.59
N ARG A 220 -8.91 7.17 -21.21
CA ARG A 220 -9.99 6.27 -21.49
C ARG A 220 -10.11 5.92 -22.98
N THR A 221 -9.82 6.90 -23.83
CA THR A 221 -10.00 6.73 -25.27
C THR A 221 -8.92 5.82 -25.79
N ALA A 222 -7.69 6.04 -25.35
CA ALA A 222 -6.61 5.16 -25.75
C ALA A 222 -6.84 3.75 -25.27
N LEU A 223 -7.26 3.61 -24.01
CA LEU A 223 -7.64 2.31 -23.48
C LEU A 223 -8.74 1.64 -24.25
N SER A 224 -9.72 2.42 -24.62
CA SER A 224 -10.78 1.91 -25.41
C SER A 224 -10.30 1.36 -26.76
N SER A 225 -9.43 2.06 -27.47
CA SER A 225 -8.81 1.49 -28.69
C SER A 225 -7.94 0.21 -28.43
N LEU A 226 -7.20 0.20 -27.33
CA LEU A 226 -6.46 -1.01 -27.01
C LEU A 226 -7.38 -2.20 -26.76
N LYS A 227 -8.45 -1.99 -26.00
CA LYS A 227 -9.35 -3.10 -25.74
C LYS A 227 -9.94 -3.68 -27.04
N ASP A 228 -10.33 -2.79 -27.97
CA ASP A 228 -10.90 -3.22 -29.25
C ASP A 228 -9.92 -4.08 -30.00
N PHE A 229 -8.63 -3.70 -29.92
CA PHE A 229 -7.60 -4.46 -30.54
C PHE A 229 -7.38 -5.80 -29.83
N LEU A 230 -7.29 -5.75 -28.49
CA LEU A 230 -7.02 -6.98 -27.71
C LEU A 230 -8.17 -7.99 -27.63
N ARG A 231 -9.41 -7.50 -27.52
CA ARG A 231 -10.54 -8.38 -27.21
C ARG A 231 -10.63 -9.62 -28.14
N PRO A 232 -10.42 -9.44 -29.49
CA PRO A 232 -10.50 -10.61 -30.38
C PRO A 232 -9.24 -11.45 -30.46
N ARG A 233 -8.19 -11.08 -29.74
CA ARG A 233 -6.94 -11.72 -29.84
C ARG A 233 -6.58 -12.50 -28.58
N VAL A 234 -7.02 -12.05 -27.40
CA VAL A 234 -6.66 -12.71 -26.16
C VAL A 234 -7.87 -13.53 -25.78
N PRO A 235 -7.72 -14.42 -24.82
CA PRO A 235 -8.89 -15.27 -24.54
C PRO A 235 -10.11 -14.50 -24.00
N THR A 236 -11.32 -15.01 -24.27
CA THR A 236 -12.50 -14.47 -23.65
C THR A 236 -12.86 -15.30 -22.44
N ASP A 237 -12.35 -16.54 -22.37
CA ASP A 237 -12.56 -17.40 -21.25
C ASP A 237 -11.49 -17.10 -20.14
N ALA A 238 -11.56 -17.87 -19.08
CA ALA A 238 -10.61 -17.80 -17.94
C ALA A 238 -9.30 -18.52 -18.16
N SER A 239 -9.00 -18.97 -19.38
CA SER A 239 -7.81 -19.80 -19.59
C SER A 239 -6.57 -18.98 -19.56
N ILE A 240 -5.47 -19.64 -19.21
CA ILE A 240 -4.13 -18.98 -19.28
C ILE A 240 -3.40 -19.39 -20.56
N THR A 241 -3.92 -18.87 -21.66
CA THR A 241 -3.40 -19.18 -22.99
C THR A 241 -3.10 -17.94 -23.82
N PRO A 242 -2.15 -18.02 -24.74
CA PRO A 242 -1.57 -16.86 -25.39
C PRO A 242 -2.29 -16.44 -26.64
N PRO A 243 -2.15 -15.19 -27.03
CA PRO A 243 -1.56 -14.05 -26.35
C PRO A 243 -2.43 -13.69 -25.16
N LEU A 244 -1.81 -13.31 -24.02
CA LEU A 244 -2.62 -12.94 -22.86
C LEU A 244 -2.11 -11.65 -22.22
N THR A 245 -3.01 -10.97 -21.52
CA THR A 245 -2.69 -9.77 -20.79
C THR A 245 -2.13 -10.22 -19.43
N GLY A 246 -0.80 -10.35 -19.36
CA GLY A 246 -0.13 -10.92 -18.17
C GLY A 246 0.42 -9.97 -17.10
N LEU A 247 0.64 -8.71 -17.44
CA LEU A 247 1.16 -7.73 -16.47
C LEU A 247 0.58 -6.40 -16.75
N ILE A 248 0.40 -5.66 -15.67
CA ILE A 248 0.09 -4.21 -15.68
C ILE A 248 1.25 -3.47 -15.04
N GLY A 249 1.85 -2.54 -15.79
CA GLY A 249 2.98 -1.78 -15.31
C GLY A 249 2.59 -0.34 -15.02
N VAL A 250 3.08 0.22 -13.93
CA VAL A 250 2.96 1.69 -13.73
C VAL A 250 4.31 2.25 -13.34
N ASP A 251 4.48 3.55 -13.51
CA ASP A 251 5.63 4.29 -12.97
C ASP A 251 5.23 4.86 -11.60
N CYS A 252 6.12 4.78 -10.63
CA CYS A 252 5.82 5.21 -9.24
C CYS A 252 6.08 6.70 -9.09
N ILE A 253 5.31 7.47 -9.87
CA ILE A 253 5.36 8.91 -9.95
C ILE A 253 3.95 9.47 -9.91
N ASP A 254 3.84 10.80 -9.94
CA ASP A 254 2.53 11.52 -9.97
C ASP A 254 1.63 10.79 -10.95
N PRO A 255 0.43 10.36 -10.51
CA PRO A 255 -0.39 9.55 -11.40
C PRO A 255 -0.67 10.21 -12.75
N MET A 256 -0.62 11.51 -12.82
CA MET A 256 -0.97 12.17 -14.05
C MET A 256 0.18 12.12 -15.04
N LEU A 257 1.37 11.75 -14.59
CA LEU A 257 2.54 11.61 -15.45
C LEU A 257 2.92 10.14 -15.72
N SER A 258 2.36 9.22 -14.95
CA SER A 258 2.77 7.82 -15.04
C SER A 258 2.32 7.18 -16.33
N ARG A 259 3.22 6.49 -17.02
CA ARG A 259 2.84 5.61 -18.13
C ARG A 259 2.20 4.35 -17.57
N LEU A 260 1.00 4.05 -18.02
CA LEU A 260 0.30 2.82 -17.78
C LEU A 260 0.67 1.80 -18.89
N LYS A 261 1.21 0.63 -18.51
CA LYS A 261 1.58 -0.44 -19.46
C LYS A 261 0.70 -1.71 -19.33
N VAL A 262 0.30 -2.22 -20.50
CA VAL A 262 -0.36 -3.49 -20.59
C VAL A 262 0.59 -4.38 -21.39
N TYR A 263 1.09 -5.44 -20.75
CA TYR A 263 2.08 -6.35 -21.32
C TYR A 263 1.39 -7.63 -21.76
N LEU A 264 1.42 -7.92 -23.08
CA LEU A 264 1.06 -9.27 -23.57
C LEU A 264 2.21 -10.27 -23.55
N ALA A 265 1.94 -11.52 -23.16
CA ALA A 265 2.85 -12.65 -23.34
C ALA A 265 2.28 -13.61 -24.40
N THR A 266 3.12 -14.09 -25.27
CA THR A 266 2.74 -15.02 -26.30
C THR A 266 3.94 -15.83 -26.75
N PHE A 267 3.69 -17.02 -27.28
CA PHE A 267 4.79 -17.82 -27.79
C PHE A 267 4.96 -17.69 -29.30
N ARG A 268 3.91 -17.35 -30.02
CA ARG A 268 3.98 -17.39 -31.46
C ARG A 268 4.33 -16.03 -32.02
N MET A 269 5.32 -16.00 -32.89
CA MET A 269 5.70 -14.78 -33.52
C MET A 269 6.21 -15.11 -34.89
N ASP A 270 5.81 -14.30 -35.88
CA ASP A 270 6.43 -14.32 -37.20
C ASP A 270 6.17 -12.93 -37.74
N LEU A 271 6.60 -12.65 -38.98
CA LEU A 271 6.54 -11.26 -39.50
C LEU A 271 5.11 -10.69 -39.52
N SER A 272 4.12 -11.50 -39.86
CA SER A 272 2.74 -11.02 -39.93
C SER A 272 2.18 -10.72 -38.50
N LEU A 273 2.52 -11.53 -37.51
CA LEU A 273 2.18 -11.18 -36.11
C LEU A 273 2.90 -9.94 -35.61
N ILE A 274 4.18 -9.76 -35.96
CA ILE A 274 4.86 -8.58 -35.56
C ILE A 274 4.14 -7.36 -36.10
N ARG A 275 3.80 -7.42 -37.39
CA ARG A 275 3.10 -6.29 -38.02
C ARG A 275 1.79 -6.03 -37.30
N ASP A 276 1.04 -7.08 -37.04
CA ASP A 276 -0.23 -6.97 -36.35
C ASP A 276 -0.06 -6.28 -34.98
N TYR A 277 0.91 -6.74 -34.20
CA TYR A 277 1.08 -6.15 -32.85
C TYR A 277 1.55 -4.70 -32.96
N TRP A 278 2.54 -4.50 -33.82
CA TRP A 278 3.17 -3.21 -33.94
C TRP A 278 2.26 -2.12 -34.45
N THR A 279 1.35 -2.47 -35.37
CA THR A 279 0.45 -1.48 -35.99
C THR A 279 -0.95 -1.55 -35.39
N LEU A 280 -1.14 -2.41 -34.40
CA LEU A 280 -2.45 -2.66 -33.85
C LEU A 280 -3.46 -3.02 -34.94
N GLY A 281 -3.10 -4.06 -35.67
CA GLY A 281 -3.93 -4.64 -36.72
C GLY A 281 -4.31 -3.66 -37.84
N GLY A 282 -3.47 -2.69 -38.16
CA GLY A 282 -3.78 -1.71 -39.19
C GLY A 282 -4.24 -0.35 -38.72
N LEU A 283 -4.51 -0.18 -37.43
CA LEU A 283 -4.90 1.11 -36.86
C LEU A 283 -3.84 2.20 -37.12
N LEU A 284 -2.56 1.83 -37.02
CA LEU A 284 -1.46 2.76 -37.19
C LEU A 284 -0.83 2.53 -38.55
N THR A 285 -0.79 3.58 -39.36
CA THR A 285 -0.29 3.46 -40.73
C THR A 285 0.70 4.55 -41.12
N ASP A 286 1.05 5.40 -40.16
CA ASP A 286 1.92 6.57 -40.42
C ASP A 286 3.36 6.15 -40.72
N ALA A 287 4.13 7.08 -41.28
CA ALA A 287 5.50 6.82 -41.74
C ALA A 287 6.41 6.35 -40.59
N GLY A 288 6.29 7.00 -39.45
CA GLY A 288 7.10 6.66 -38.29
C GLY A 288 6.85 5.23 -37.88
N THR A 289 5.57 4.90 -37.72
CA THR A 289 5.17 3.54 -37.41
C THR A 289 5.81 2.55 -38.39
N MET A 290 5.70 2.81 -39.70
CA MET A 290 6.20 1.85 -40.73
C MET A 290 7.71 1.73 -40.75
N LYS A 291 8.39 2.84 -40.46
CA LYS A 291 9.83 2.81 -40.35
C LYS A 291 10.22 1.91 -39.15
N GLY A 292 9.55 2.11 -38.01
CA GLY A 292 9.71 1.24 -36.85
C GLY A 292 9.52 -0.21 -37.22
N LEU A 293 8.44 -0.51 -37.92
CA LEU A 293 8.12 -1.90 -38.30
C LEU A 293 9.25 -2.54 -39.08
N GLU A 294 9.81 -1.79 -40.00
CA GLU A 294 10.90 -2.28 -40.82
C GLU A 294 12.11 -2.63 -39.94
N MET A 295 12.42 -1.75 -39.01
CA MET A 295 13.47 -2.02 -38.00
C MET A 295 13.23 -3.35 -37.23
N VAL A 296 12.02 -3.51 -36.73
CA VAL A 296 11.70 -4.68 -35.90
C VAL A 296 11.75 -5.95 -36.70
N GLU A 297 11.26 -5.90 -37.93
CA GLU A 297 11.38 -7.04 -38.85
C GLU A 297 12.83 -7.40 -39.14
N THR A 298 13.65 -6.38 -39.38
CA THR A 298 15.04 -6.61 -39.63
C THR A 298 15.70 -7.28 -38.40
N LEU A 299 15.40 -6.77 -37.20
CA LEU A 299 15.93 -7.39 -36.00
C LEU A 299 15.52 -8.85 -35.90
N ALA A 300 14.25 -9.12 -36.13
CA ALA A 300 13.75 -10.48 -36.04
C ALA A 300 14.50 -11.44 -37.01
N LYS A 301 14.78 -10.95 -38.22
CA LYS A 301 15.49 -11.79 -39.20
C LYS A 301 16.93 -12.04 -38.71
N THR A 302 17.55 -11.01 -38.22
CA THR A 302 18.90 -11.14 -37.73
C THR A 302 19.01 -12.15 -36.57
N LEU A 303 17.97 -12.27 -35.74
CA LEU A 303 17.97 -13.20 -34.58
C LEU A 303 17.63 -14.68 -34.81
N ARG A 317 12.00 -22.24 -23.18
CA ARG A 317 11.86 -21.07 -24.01
C ARG A 317 10.96 -20.10 -23.27
N LEU A 318 11.35 -18.84 -23.23
CA LEU A 318 10.49 -17.79 -22.66
C LEU A 318 9.51 -17.22 -23.68
N PRO A 319 8.39 -16.67 -23.22
CA PRO A 319 7.46 -16.01 -24.17
C PRO A 319 7.94 -14.71 -24.73
N PHE A 320 7.53 -14.37 -25.95
CA PHE A 320 7.68 -13.02 -26.44
C PHE A 320 6.79 -12.10 -25.55
N GLY A 321 7.19 -10.86 -25.45
CA GLY A 321 6.35 -9.84 -24.83
C GLY A 321 6.03 -8.72 -25.79
N ILE A 322 4.88 -8.11 -25.57
CA ILE A 322 4.47 -6.97 -26.30
C ILE A 322 3.86 -5.96 -25.32
N ASN A 323 4.50 -4.79 -25.17
CA ASN A 323 4.12 -3.89 -24.10
C ASN A 323 3.51 -2.62 -24.67
N TYR A 324 2.23 -2.39 -24.43
CA TYR A 324 1.51 -1.18 -24.88
C TYR A 324 1.54 -0.17 -23.73
N ALA A 325 2.19 0.98 -23.97
CA ALA A 325 2.42 2.03 -22.96
C ALA A 325 1.56 3.24 -23.28
N MET A 326 0.77 3.68 -22.30
CA MET A 326 -0.16 4.78 -22.43
C MET A 326 0.05 5.85 -21.32
N LYS A 327 -0.12 7.13 -21.67
CA LYS A 327 0.07 8.29 -20.76
C LYS A 327 -1.24 9.09 -20.62
N PRO A 328 -1.59 9.49 -19.39
CA PRO A 328 -2.69 10.42 -19.32
C PRO A 328 -2.48 11.66 -20.25
N GLY A 329 -3.56 12.19 -20.82
CA GLY A 329 -3.44 13.29 -21.77
C GLY A 329 -3.15 12.87 -23.23
N THR A 330 -2.85 11.59 -23.48
CA THR A 330 -2.65 11.10 -24.87
C THR A 330 -3.80 10.19 -25.27
N ALA A 331 -4.51 10.55 -26.35
CA ALA A 331 -5.73 9.83 -26.76
C ALA A 331 -5.42 8.65 -27.70
N GLU A 332 -4.27 8.73 -28.34
CA GLU A 332 -3.94 7.83 -29.40
C GLU A 332 -2.86 6.84 -28.98
N LEU A 333 -2.99 5.60 -29.46
CA LEU A 333 -2.03 4.56 -29.16
C LEU A 333 -0.85 4.65 -30.02
N ALA A 334 0.30 4.41 -29.42
CA ALA A 334 1.57 4.29 -30.13
C ALA A 334 1.93 2.80 -30.28
N PRO A 335 2.95 2.50 -31.15
CA PRO A 335 3.42 1.15 -31.29
C PRO A 335 3.93 0.66 -29.95
N PRO A 336 3.76 -0.62 -29.65
CA PRO A 336 4.30 -1.19 -28.41
C PRO A 336 5.78 -1.36 -28.49
N GLN A 337 6.36 -1.69 -27.34
CA GLN A 337 7.73 -2.25 -27.31
C GLN A 337 7.63 -3.77 -27.43
N ILE A 338 8.47 -4.38 -28.26
CA ILE A 338 8.44 -5.81 -28.46
C ILE A 338 9.65 -6.44 -27.81
N TYR A 339 9.42 -7.49 -27.04
CA TYR A 339 10.49 -8.16 -26.29
C TYR A 339 10.75 -9.54 -26.88
N PHE A 340 11.95 -9.69 -27.42
CA PHE A 340 12.41 -10.99 -27.89
C PHE A 340 13.09 -11.79 -26.78
N PRO A 341 12.65 -13.01 -26.56
CA PRO A 341 13.23 -13.87 -25.55
C PRO A 341 14.51 -14.52 -26.06
N LEU A 342 15.57 -14.52 -25.25
CA LEU A 342 16.87 -14.92 -25.75
C LEU A 342 17.49 -16.05 -24.97
N LEU A 343 16.76 -16.55 -23.97
CA LEU A 343 17.27 -17.64 -23.16
C LEU A 343 17.44 -18.88 -24.03
N GLY A 344 18.53 -19.61 -23.89
CA GLY A 344 18.77 -20.79 -24.75
C GLY A 344 19.55 -20.46 -26.03
N ILE A 345 19.60 -19.22 -26.44
CA ILE A 345 20.39 -18.88 -27.59
C ILE A 345 21.81 -18.47 -27.14
N ASN A 346 22.82 -18.96 -27.85
CA ASN A 346 24.19 -18.57 -27.60
C ASN A 346 24.51 -17.05 -27.55
N ASP A 347 25.16 -16.64 -26.46
CA ASP A 347 25.39 -15.23 -26.18
C ASP A 347 26.41 -14.62 -27.14
N GLY A 348 27.37 -15.42 -27.63
CA GLY A 348 28.28 -14.90 -28.68
C GLY A 348 27.49 -14.67 -29.96
N PHE A 349 26.55 -15.55 -30.27
CA PHE A 349 25.70 -15.28 -31.45
C PHE A 349 24.93 -14.01 -31.26
N ILE A 350 24.33 -13.87 -30.07
CA ILE A 350 23.55 -12.65 -29.82
C ILE A 350 24.42 -11.38 -29.96
N ALA A 351 25.61 -11.41 -29.43
CA ALA A 351 26.48 -10.25 -29.57
C ALA A 351 26.75 -9.94 -31.06
N ASP A 352 27.02 -10.98 -31.85
CA ASP A 352 27.26 -10.80 -33.32
C ASP A 352 25.99 -10.25 -34.01
N ALA A 353 24.84 -10.78 -33.64
CA ALA A 353 23.56 -10.25 -34.12
C ALA A 353 23.29 -8.80 -33.79
N LEU A 354 23.64 -8.40 -32.57
CA LEU A 354 23.46 -7.03 -32.17
C LEU A 354 24.39 -6.06 -32.88
N VAL A 355 25.65 -6.44 -33.02
CA VAL A 355 26.60 -5.71 -33.82
C VAL A 355 25.98 -5.45 -35.21
N GLU A 356 25.52 -6.52 -35.83
CA GLU A 356 24.86 -6.42 -37.18
C GLU A 356 23.68 -5.44 -37.16
N PHE A 357 22.81 -5.61 -36.17
CA PHE A 357 21.68 -4.70 -36.05
C PHE A 357 22.10 -3.24 -35.80
N PHE A 358 23.07 -3.04 -34.93
CA PHE A 358 23.54 -1.69 -34.71
C PHE A 358 24.08 -1.05 -36.00
N GLN A 359 24.82 -1.83 -36.78
CA GLN A 359 25.30 -1.30 -38.07
C GLN A 359 24.12 -0.89 -38.94
N TYR A 360 23.14 -1.77 -39.10
CA TYR A 360 21.93 -1.46 -39.84
C TYR A 360 21.24 -0.19 -39.37
N MET A 361 21.22 0.10 -38.07
CA MET A 361 20.59 1.35 -37.58
C MET A 361 21.47 2.57 -37.80
N GLY A 362 22.70 2.32 -38.22
CA GLY A 362 23.68 3.39 -38.36
C GLY A 362 24.31 3.77 -37.05
N TRP A 363 24.24 2.91 -36.03
CA TRP A 363 24.92 3.20 -34.72
C TRP A 363 26.31 2.55 -34.73
N GLU A 364 27.23 3.13 -35.49
CA GLU A 364 28.53 2.51 -35.75
C GLU A 364 29.33 2.37 -34.46
N ASP A 365 29.39 3.44 -33.70
CA ASP A 365 30.08 3.38 -32.43
C ASP A 365 29.58 2.28 -31.45
N GLN A 366 28.27 2.19 -31.26
CA GLN A 366 27.69 1.07 -30.48
C GLN A 366 28.08 -0.28 -31.05
N ALA A 367 28.09 -0.41 -32.38
CA ALA A 367 28.48 -1.70 -33.01
C ALA A 367 29.91 -2.08 -32.72
N ASN A 368 30.78 -1.09 -32.79
CA ASN A 368 32.21 -1.29 -32.64
C ASN A 368 32.64 -1.57 -31.22
N ARG A 369 31.81 -1.18 -30.26
CA ARG A 369 32.16 -1.46 -28.84
C ARG A 369 31.35 -2.61 -28.19
N TYR A 370 30.28 -3.09 -28.85
CA TYR A 370 29.35 -3.95 -28.12
C TYR A 370 30.06 -5.16 -27.56
N LYS A 371 30.79 -5.92 -28.41
CA LYS A 371 31.40 -7.18 -27.92
C LYS A 371 32.42 -7.03 -26.84
N ASP A 372 33.33 -6.08 -27.02
CA ASP A 372 34.41 -5.91 -26.08
C ASP A 372 33.78 -5.49 -24.70
N GLU A 373 32.84 -4.55 -24.77
CA GLU A 373 32.15 -4.13 -23.57
C GLU A 373 31.41 -5.31 -22.87
N LEU A 374 30.82 -6.20 -23.63
CA LEU A 374 30.13 -7.34 -23.06
C LEU A 374 31.07 -8.24 -22.29
N LYS A 375 32.24 -8.52 -22.89
CA LYS A 375 33.23 -9.30 -22.22
C LYS A 375 33.74 -8.65 -20.92
N ALA A 376 33.96 -7.33 -20.97
CA ALA A 376 34.38 -6.59 -19.82
C ALA A 376 33.27 -6.49 -18.70
N LYS A 377 31.99 -6.53 -19.07
CA LYS A 377 30.88 -6.56 -18.09
C LYS A 377 30.91 -7.85 -17.28
N PHE A 378 31.24 -8.99 -17.93
CA PHE A 378 31.15 -10.34 -17.36
C PHE A 378 32.49 -11.11 -17.28
N PRO A 379 33.50 -10.55 -16.58
CA PRO A 379 34.88 -11.01 -16.63
C PRO A 379 35.06 -12.41 -16.01
N ASN A 380 34.13 -12.85 -15.15
CA ASN A 380 34.27 -14.14 -14.53
C ASN A 380 33.71 -15.31 -15.32
N VAL A 381 33.14 -15.07 -16.52
CA VAL A 381 32.54 -16.10 -17.27
C VAL A 381 32.92 -15.94 -18.71
N ASP A 382 32.92 -17.02 -19.48
CA ASP A 382 33.21 -16.88 -20.90
C ASP A 382 31.89 -16.74 -21.61
N ILE A 383 31.53 -15.52 -21.98
CA ILE A 383 30.18 -15.25 -22.49
C ILE A 383 29.97 -15.89 -23.86
N SER A 384 31.03 -16.25 -24.56
CA SER A 384 30.88 -17.03 -25.80
C SER A 384 30.46 -18.46 -25.58
N GLN A 385 30.60 -18.96 -24.35
CA GLN A 385 30.17 -20.31 -24.02
C GLN A 385 28.80 -20.38 -23.38
N THR A 386 28.25 -19.23 -22.98
CA THR A 386 26.95 -19.19 -22.27
C THR A 386 25.76 -19.00 -23.19
N LYS A 387 24.63 -19.47 -22.72
CA LYS A 387 23.37 -19.24 -23.42
C LYS A 387 22.27 -18.58 -22.57
N ASN A 388 22.60 -18.16 -21.36
CA ASN A 388 21.59 -17.51 -20.48
C ASN A 388 21.82 -16.08 -20.00
N VAL A 389 22.90 -15.46 -20.46
CA VAL A 389 23.32 -14.14 -19.95
C VAL A 389 22.47 -13.06 -20.56
N HIS A 390 22.25 -13.06 -21.89
CA HIS A 390 21.28 -12.19 -22.50
C HIS A 390 19.96 -12.86 -22.30
N ARG A 391 19.01 -12.20 -21.63
CA ARG A 391 17.72 -12.86 -21.42
C ARG A 391 16.58 -12.31 -22.28
N TRP A 392 16.61 -11.01 -22.59
CA TRP A 392 15.57 -10.40 -23.34
C TRP A 392 16.19 -9.29 -24.10
N LEU A 393 15.53 -8.95 -25.20
CA LEU A 393 15.90 -7.76 -25.92
C LEU A 393 14.61 -7.05 -26.30
N GLY A 394 14.47 -5.78 -25.86
CA GLY A 394 13.29 -5.00 -26.13
C GLY A 394 13.59 -3.97 -27.22
N VAL A 395 12.69 -3.75 -28.14
CA VAL A 395 12.91 -2.73 -29.16
C VAL A 395 11.70 -1.85 -29.25
N ALA A 396 11.97 -0.55 -29.40
CA ALA A 396 10.94 0.46 -29.36
C ALA A 396 11.25 1.54 -30.36
N TYR A 397 10.19 2.23 -30.77
CA TYR A 397 10.32 3.39 -31.62
C TYR A 397 9.38 4.42 -31.03
N SER A 398 9.85 5.65 -30.91
CA SER A 398 8.98 6.72 -30.44
C SER A 398 8.98 7.86 -31.45
N GLU A 399 7.79 8.42 -31.63
CA GLU A 399 7.58 9.60 -32.45
C GLU A 399 8.60 10.65 -32.06
N THR A 400 8.60 11.08 -30.80
CA THR A 400 9.49 12.17 -30.40
C THR A 400 10.97 11.85 -30.10
N LYS A 401 11.24 10.67 -29.57
CA LYS A 401 12.49 10.17 -28.94
C LYS A 401 13.36 9.33 -29.87
N GLY A 402 12.76 8.64 -30.84
CA GLY A 402 13.57 7.86 -31.80
C GLY A 402 13.49 6.37 -31.50
N PRO A 403 14.40 5.57 -32.09
CA PRO A 403 14.44 4.15 -31.77
C PRO A 403 15.29 3.86 -30.52
N SER A 404 14.94 2.80 -29.82
CA SER A 404 15.74 2.39 -28.67
C SER A 404 15.74 0.90 -28.54
N MET A 405 16.77 0.43 -27.90
CA MET A 405 16.91 -0.98 -27.65
C MET A 405 17.22 -1.28 -26.16
N ASN A 406 16.52 -2.23 -25.58
CA ASN A 406 16.70 -2.55 -24.19
C ASN A 406 17.26 -3.94 -24.07
N ILE A 407 18.44 -4.08 -23.52
CA ILE A 407 19.08 -5.38 -23.40
C ILE A 407 19.10 -5.83 -21.89
N TYR A 408 18.41 -6.94 -21.56
CA TYR A 408 18.31 -7.46 -20.21
C TYR A 408 19.25 -8.63 -19.98
N TYR A 409 20.07 -8.49 -18.94
CA TYR A 409 21.10 -9.42 -18.64
C TYR A 409 20.77 -10.14 -17.32
N ASP A 410 20.96 -11.46 -17.35
CA ASP A 410 20.93 -12.28 -16.10
C ASP A 410 22.33 -12.15 -15.50
N VAL A 411 22.47 -11.11 -14.67
CA VAL A 411 23.75 -10.73 -14.10
C VAL A 411 24.37 -11.87 -13.30
N VAL A 412 23.58 -12.59 -12.52
CA VAL A 412 24.17 -13.66 -11.72
C VAL A 412 24.71 -14.78 -12.67
N ALA A 413 23.95 -15.17 -13.70
CA ALA A 413 24.46 -16.16 -14.69
C ALA A 413 25.72 -15.69 -15.37
N GLY A 414 25.91 -14.37 -15.49
CA GLY A 414 27.11 -13.75 -16.00
C GLY A 414 28.30 -13.70 -15.05
N ASN A 415 28.07 -14.15 -13.83
CA ASN A 415 29.10 -14.05 -12.82
C ASN A 415 29.52 -15.34 -12.11
N VAL A 416 28.68 -16.36 -12.02
CA VAL A 416 28.93 -17.46 -11.07
C VAL A 416 29.98 -18.46 -11.61
N ARG B 6 2.18 -10.54 37.71
CA ARG B 6 1.11 -10.15 36.73
C ARG B 6 1.72 -10.17 35.33
N PRO B 7 0.92 -10.55 34.35
CA PRO B 7 1.45 -10.55 32.94
C PRO B 7 2.28 -9.32 32.43
N TRP B 8 1.87 -8.10 32.75
CA TRP B 8 2.56 -6.94 32.23
C TRP B 8 3.97 -6.87 32.87
N GLN B 9 4.12 -7.34 34.11
CA GLN B 9 5.37 -7.30 34.82
C GLN B 9 6.23 -8.47 34.34
N ILE B 10 5.64 -9.66 34.21
CA ILE B 10 6.35 -10.79 33.67
C ILE B 10 6.92 -10.55 32.26
N LEU B 11 6.17 -9.89 31.42
CA LEU B 11 6.62 -9.63 30.06
C LEU B 11 7.77 -8.58 30.08
N SER B 12 7.66 -7.55 30.93
CA SER B 12 8.74 -6.60 31.13
C SER B 12 10.02 -7.33 31.59
N GLN B 13 9.90 -8.32 32.47
CA GLN B 13 11.05 -9.08 32.92
C GLN B 13 11.64 -9.92 31.86
N ALA B 14 10.79 -10.55 31.03
CA ALA B 14 11.22 -11.48 30.04
C ALA B 14 11.80 -10.81 28.75
N LEU B 15 11.24 -9.65 28.39
CA LEU B 15 11.51 -9.00 27.08
C LEU B 15 12.45 -7.79 27.15
N GLY B 16 12.42 -7.07 28.27
CA GLY B 16 13.06 -5.76 28.40
C GLY B 16 12.57 -4.82 27.34
N PHE B 17 13.44 -3.89 26.90
CA PHE B 17 13.05 -2.86 25.97
C PHE B 17 14.21 -2.59 25.04
N PRO B 18 13.94 -2.41 23.77
CA PRO B 18 14.98 -2.06 22.75
C PRO B 18 15.57 -0.67 23.01
N ASN B 19 14.76 0.22 23.62
CA ASN B 19 15.16 1.61 23.86
C ASN B 19 14.31 2.20 24.93
N TYR B 20 14.71 3.38 25.36
CA TYR B 20 14.08 4.03 26.50
C TYR B 20 12.66 4.58 26.21
N ASP B 21 12.35 4.98 24.99
CA ASP B 21 11.01 5.44 24.72
C ASP B 21 10.06 4.28 24.82
N GLN B 22 10.48 3.12 24.32
CA GLN B 22 9.57 1.97 24.46
C GLN B 22 9.29 1.63 25.95
N GLU B 23 10.35 1.71 26.77
CA GLU B 23 10.28 1.43 28.21
C GLU B 23 9.30 2.42 28.89
N LEU B 24 9.41 3.69 28.57
CA LEU B 24 8.51 4.71 29.08
C LEU B 24 7.04 4.48 28.58
N TRP B 25 6.84 4.11 27.31
CA TRP B 25 5.50 3.69 26.86
C TRP B 25 4.94 2.51 27.72
N TRP B 26 5.76 1.49 27.97
CA TRP B 26 5.30 0.40 28.76
C TRP B 26 4.97 0.84 30.20
N GLN B 27 5.88 1.56 30.81
CA GLN B 27 5.67 2.07 32.15
C GLN B 27 4.47 3.05 32.33
N ASN B 28 3.98 3.67 31.24
CA ASN B 28 2.85 4.55 31.25
C ASN B 28 1.57 3.96 30.70
N THR B 29 1.57 2.70 30.24
CA THR B 29 0.37 2.12 29.61
C THR B 29 0.04 0.72 29.86
N ALA B 30 1.02 -0.12 30.14
CA ALA B 30 0.80 -1.55 30.09
C ALA B 30 0.08 -2.10 31.36
N GLU B 31 0.36 -1.49 32.50
CA GLU B 31 -0.32 -1.86 33.75
C GLU B 31 -1.79 -1.53 33.54
N THR B 32 -2.10 -0.34 33.06
CA THR B 32 -3.50 0.00 32.70
C THR B 32 -4.11 -1.01 31.73
N LEU B 33 -3.41 -1.31 30.61
CA LEU B 33 -3.91 -2.27 29.69
C LEU B 33 -4.19 -3.61 30.35
N ASN B 34 -3.25 -4.15 31.10
CA ASN B 34 -3.47 -5.43 31.75
C ASN B 34 -4.73 -5.35 32.69
N ARG B 35 -4.86 -4.26 33.40
CA ARG B 35 -6.06 -4.04 34.28
C ARG B 35 -7.38 -4.08 33.49
N VAL B 36 -7.40 -3.36 32.36
CA VAL B 36 -8.60 -3.37 31.48
C VAL B 36 -8.92 -4.80 31.06
N LEU B 37 -7.92 -5.56 30.65
CA LEU B 37 -8.14 -6.87 30.17
C LEU B 37 -8.66 -7.78 31.33
N GLU B 38 -8.10 -7.65 32.51
CA GLU B 38 -8.59 -8.40 33.67
C GLU B 38 -10.05 -8.07 33.97
N GLN B 39 -10.39 -6.79 33.95
CA GLN B 39 -11.73 -6.27 34.31
C GLN B 39 -12.75 -6.71 33.34
N CYS B 40 -12.33 -6.92 32.08
CA CYS B 40 -13.17 -7.41 31.04
C CYS B 40 -13.27 -8.94 30.92
N ASP B 41 -12.67 -9.67 31.84
CA ASP B 41 -12.74 -11.13 31.93
C ASP B 41 -12.03 -11.87 30.81
N TYR B 42 -10.95 -11.28 30.27
CA TYR B 42 -10.06 -12.03 29.39
C TYR B 42 -9.29 -13.02 30.29
N SER B 43 -9.15 -14.26 29.84
CA SER B 43 -8.36 -15.25 30.52
C SER B 43 -6.91 -14.78 30.60
N VAL B 44 -6.14 -15.44 31.46
CA VAL B 44 -4.73 -15.09 31.65
C VAL B 44 -4.00 -15.34 30.30
N HIS B 45 -4.30 -16.44 29.62
CA HIS B 45 -3.64 -16.76 28.35
C HIS B 45 -3.88 -15.64 27.31
N LEU B 46 -5.07 -14.99 27.32
CA LEU B 46 -5.31 -13.89 26.37
C LEU B 46 -4.64 -12.62 26.84
N GLN B 47 -4.57 -12.43 28.15
CA GLN B 47 -3.85 -11.30 28.70
C GLN B 47 -2.38 -11.36 28.20
N TYR B 48 -1.75 -12.52 28.35
CA TYR B 48 -0.42 -12.74 27.81
C TYR B 48 -0.39 -12.47 26.28
N LYS B 49 -1.36 -13.01 25.55
CA LYS B 49 -1.35 -12.86 24.12
C LYS B 49 -1.36 -11.43 23.73
N TYR B 50 -2.28 -10.66 24.30
CA TYR B 50 -2.46 -9.29 23.91
C TYR B 50 -1.31 -8.40 24.41
N LEU B 51 -0.81 -8.67 25.60
CA LEU B 51 0.29 -7.87 26.16
C LEU B 51 1.63 -8.14 25.44
N ALA B 52 1.87 -9.38 25.07
CA ALA B 52 3.05 -9.75 24.29
C ALA B 52 3.00 -9.16 22.86
N PHE B 53 1.83 -9.23 22.26
CA PHE B 53 1.56 -8.53 21.01
C PHE B 53 1.84 -7.01 21.09
N TYR B 54 1.31 -6.38 22.14
CA TYR B 54 1.45 -4.98 22.42
C TYR B 54 2.93 -4.65 22.56
N HIS B 55 3.67 -5.48 23.30
CA HIS B 55 5.13 -5.28 23.46
C HIS B 55 5.88 -5.30 22.11
N LYS B 56 5.60 -6.30 21.34
CA LYS B 56 6.37 -6.56 20.12
C LYS B 56 5.98 -5.62 18.94
N TYR B 57 4.70 -5.42 18.75
CA TYR B 57 4.18 -4.68 17.59
C TYR B 57 3.81 -3.25 17.84
N ILE B 58 3.29 -2.94 19.01
CA ILE B 58 2.76 -1.63 19.21
C ILE B 58 3.78 -0.68 19.81
N LEU B 59 4.52 -1.13 20.83
CA LEU B 59 5.51 -0.28 21.40
C LEU B 59 6.44 0.39 20.35
N PRO B 60 7.01 -0.36 19.40
CA PRO B 60 7.88 0.33 18.41
C PRO B 60 7.11 1.22 17.48
N SER B 61 5.81 0.99 17.33
CA SER B 61 4.97 1.83 16.47
C SER B 61 4.66 3.16 17.09
N LEU B 62 4.73 3.24 18.40
CA LEU B 62 4.33 4.47 19.11
C LEU B 62 5.31 5.64 19.04
N GLY B 63 6.52 5.39 18.53
CA GLY B 63 7.55 6.44 18.46
C GLY B 63 8.03 6.96 19.78
N PRO B 64 8.57 8.18 19.80
CA PRO B 64 9.06 8.70 21.07
C PRO B 64 7.93 9.04 22.05
N PHE B 65 8.28 9.04 23.32
CA PHE B 65 7.31 9.28 24.37
C PHE B 65 7.45 10.73 24.80
N ARG B 66 6.49 11.56 24.43
CA ARG B 66 6.59 12.98 24.66
C ARG B 66 6.55 13.17 26.13
N ARG B 67 7.51 13.98 26.62
CA ARG B 67 7.71 14.25 28.03
C ARG B 67 8.52 15.53 28.23
N PRO B 68 8.57 16.03 29.49
CA PRO B 68 9.24 17.30 29.69
C PRO B 68 10.70 17.23 29.20
N GLY B 69 11.13 18.21 28.43
CA GLY B 69 12.48 18.19 27.90
C GLY B 69 12.69 17.43 26.59
N VAL B 70 11.69 16.67 26.13
CA VAL B 70 11.81 15.88 24.89
C VAL B 70 10.60 16.07 24.08
N GLU B 71 10.66 16.94 23.07
CA GLU B 71 9.53 17.31 22.23
C GLU B 71 9.69 16.61 20.90
N PRO B 72 8.84 15.62 20.63
CA PRO B 72 9.02 14.91 19.34
C PRO B 72 8.79 15.80 18.12
N GLU B 73 9.25 15.36 16.96
CA GLU B 73 8.90 16.03 15.73
C GLU B 73 7.43 15.85 15.30
N TYR B 74 6.79 14.75 15.70
CA TYR B 74 5.40 14.48 15.37
C TYR B 74 4.54 14.53 16.64
N ILE B 75 3.46 15.30 16.57
CA ILE B 75 2.55 15.50 17.72
C ILE B 75 1.18 15.01 17.31
N SER B 76 0.63 14.04 18.08
CA SER B 76 -0.59 13.40 17.71
C SER B 76 -1.80 14.12 18.27
N GLY B 77 -2.90 14.11 17.51
CA GLY B 77 -4.15 14.61 18.02
C GLY B 77 -4.94 13.60 18.82
N LEU B 78 -4.43 12.39 19.04
CA LEU B 78 -5.21 11.34 19.67
C LEU B 78 -5.33 11.53 21.18
N SER B 79 -4.52 12.42 21.77
CA SER B 79 -4.56 12.55 23.22
C SER B 79 -4.21 13.96 23.60
N HIS B 80 -4.39 14.28 24.88
CA HIS B 80 -4.19 15.61 25.36
C HIS B 80 -2.69 15.98 25.39
N GLY B 81 -1.82 15.05 25.77
CA GLY B 81 -0.39 15.37 25.84
C GLY B 81 0.37 15.16 24.53
N GLY B 82 -0.34 14.84 23.46
CA GLY B 82 0.26 14.67 22.15
C GLY B 82 0.75 13.25 21.80
N HIS B 83 0.39 12.27 22.66
CA HIS B 83 0.77 10.88 22.55
C HIS B 83 -0.20 10.18 21.56
N PRO B 84 0.34 9.41 20.58
CA PRO B 84 -0.48 8.74 19.55
C PRO B 84 -1.19 7.48 20.01
N LEU B 85 -1.88 7.56 21.16
CA LEU B 85 -2.49 6.32 21.75
C LEU B 85 -3.75 6.63 22.53
N GLU B 86 -4.76 5.77 22.36
CA GLU B 86 -5.93 5.73 23.21
C GLU B 86 -6.26 4.26 23.48
N ILE B 87 -6.84 3.97 24.67
CA ILE B 87 -7.40 2.67 24.90
C ILE B 87 -8.89 2.90 25.07
N SER B 88 -9.71 2.06 24.44
CA SER B 88 -11.14 2.18 24.56
C SER B 88 -11.74 0.87 25.00
N VAL B 89 -12.95 0.98 25.61
CA VAL B 89 -13.73 -0.16 25.86
C VAL B 89 -15.06 -0.05 25.14
N LYS B 90 -15.60 -1.19 24.71
CA LYS B 90 -16.93 -1.25 24.11
C LYS B 90 -17.81 -2.11 25.05
N ILE B 91 -18.83 -1.49 25.61
CA ILE B 91 -19.61 -2.04 26.65
C ILE B 91 -20.99 -2.39 26.13
N ASP B 92 -21.35 -3.65 26.35
CA ASP B 92 -22.76 -4.19 26.26
C ASP B 92 -23.31 -4.41 27.64
N LYS B 93 -24.56 -4.87 27.65
CA LYS B 93 -25.30 -5.34 28.82
C LYS B 93 -24.41 -6.33 29.54
N SER B 94 -24.00 -7.35 28.78
CA SER B 94 -23.32 -8.54 29.28
C SER B 94 -21.78 -8.50 29.34
N LYS B 95 -21.15 -7.86 28.34
CA LYS B 95 -19.71 -8.01 28.08
C LYS B 95 -19.07 -6.68 27.70
N THR B 96 -17.74 -6.63 27.86
CA THR B 96 -16.93 -5.52 27.53
C THR B 96 -15.72 -6.02 26.74
N ILE B 97 -15.41 -5.29 25.65
CA ILE B 97 -14.27 -5.54 24.71
C ILE B 97 -13.30 -4.37 24.81
N CYS B 98 -11.99 -4.68 24.76
CA CYS B 98 -10.95 -3.67 24.85
C CYS B 98 -10.46 -3.46 23.39
N ARG B 99 -10.11 -2.21 23.05
CA ARG B 99 -9.62 -1.84 21.74
C ARG B 99 -8.47 -0.84 21.91
N LEU B 100 -7.50 -0.88 21.00
CA LEU B 100 -6.40 0.07 20.98
C LEU B 100 -6.58 1.02 19.80
N GLY B 101 -6.37 2.31 19.98
CA GLY B 101 -6.32 3.27 18.82
C GLY B 101 -4.96 3.91 18.80
N LEU B 102 -4.28 3.99 17.65
CA LEU B 102 -2.98 4.58 17.62
C LEU B 102 -2.72 5.20 16.26
N GLN B 103 -1.67 6.00 16.19
CA GLN B 103 -0.97 6.22 14.94
C GLN B 103 0.39 5.57 15.04
N ALA B 104 0.74 4.78 14.06
CA ALA B 104 2.04 4.20 13.96
C ALA B 104 2.98 5.24 13.40
N ILE B 105 3.99 5.62 14.17
CA ILE B 105 4.87 6.79 13.82
C ILE B 105 6.10 6.33 13.07
N GLY B 106 6.28 6.73 11.83
CA GLY B 106 7.54 6.50 11.18
C GLY B 106 8.67 7.30 11.78
N PRO B 107 9.93 6.83 11.56
CA PRO B 107 11.11 7.40 12.12
C PRO B 107 11.53 8.74 11.49
N LEU B 108 10.88 9.18 10.43
CA LEU B 108 11.08 10.54 9.89
C LEU B 108 9.75 11.40 9.95
N ALA B 109 8.74 10.88 10.65
CA ALA B 109 7.48 11.56 10.77
C ALA B 109 7.58 12.98 11.21
N GLY B 110 6.77 13.85 10.60
CA GLY B 110 6.75 15.28 10.95
C GLY B 110 8.03 16.03 10.51
N THR B 111 8.85 15.47 9.62
CA THR B 111 10.01 16.16 9.05
C THR B 111 9.81 16.24 7.54
N ALA B 112 10.69 16.96 6.83
CA ALA B 112 10.51 17.12 5.36
C ALA B 112 10.34 15.80 4.57
N ARG B 113 11.00 14.74 5.02
CA ARG B 113 10.94 13.48 4.29
C ARG B 113 9.66 12.73 4.53
N ASP B 114 8.86 13.12 5.53
CA ASP B 114 7.54 12.47 5.82
C ASP B 114 6.61 13.42 6.58
N PRO B 115 6.08 14.48 5.90
CA PRO B 115 5.46 15.52 6.68
C PRO B 115 4.13 15.09 7.35
N LEU B 116 3.45 14.10 6.80
CA LEU B 116 2.17 13.70 7.34
C LEU B 116 2.11 12.27 7.90
N ASN B 117 3.28 11.76 8.26
CA ASN B 117 3.40 10.39 8.78
C ASN B 117 2.61 9.39 7.88
N SER B 118 3.02 9.32 6.61
CA SER B 118 2.30 8.62 5.53
C SER B 118 2.54 7.12 5.45
N PHE B 119 3.51 6.59 6.18
CA PHE B 119 4.04 5.24 5.97
C PHE B 119 3.97 4.30 7.18
N GLY B 120 3.92 4.84 8.39
CA GLY B 120 4.06 3.93 9.54
C GLY B 120 2.92 2.98 9.71
N ASP B 121 1.66 3.43 9.51
CA ASP B 121 0.53 2.59 9.73
C ASP B 121 0.52 1.39 8.78
N ARG B 122 0.81 1.66 7.52
CA ARG B 122 0.87 0.54 6.58
C ARG B 122 2.03 -0.43 6.94
N GLU B 123 3.13 0.07 7.44
CA GLU B 123 4.23 -0.82 7.81
C GLU B 123 3.81 -1.74 8.97
N LEU B 124 3.07 -1.19 9.93
CA LEU B 124 2.46 -1.99 10.99
C LEU B 124 1.51 -3.03 10.45
N LEU B 125 0.65 -2.63 9.55
CA LEU B 125 -0.30 -3.55 8.93
C LEU B 125 0.37 -4.64 8.14
N LYS B 126 1.44 -4.33 7.48
CA LYS B 126 2.23 -5.40 6.83
C LYS B 126 2.76 -6.44 7.84
N ASN B 127 3.30 -5.98 8.95
CA ASN B 127 3.70 -6.94 10.01
C ASN B 127 2.55 -7.72 10.59
N LEU B 128 1.38 -7.11 10.67
CA LEU B 128 0.22 -7.87 11.09
C LEU B 128 -0.23 -8.92 10.07
N ALA B 129 -0.04 -8.63 8.76
CA ALA B 129 -0.50 -9.50 7.71
C ALA B 129 0.36 -10.76 7.66
N THR B 130 1.62 -10.75 8.11
CA THR B 130 2.35 -11.98 8.28
C THR B 130 2.18 -12.63 9.67
N LEU B 131 1.67 -11.87 10.63
CA LEU B 131 1.31 -12.40 11.94
C LEU B 131 -0.03 -13.15 11.98
N LEU B 132 -1.06 -12.52 11.40
CA LEU B 132 -2.46 -12.92 11.55
C LEU B 132 -3.03 -13.38 10.18
N PRO B 133 -3.62 -14.58 10.11
CA PRO B 133 -4.06 -15.10 8.79
C PRO B 133 -5.20 -14.33 8.14
N HIS B 134 -6.03 -13.65 8.90
CA HIS B 134 -7.22 -13.07 8.27
C HIS B 134 -7.15 -11.57 8.05
N VAL B 135 -5.95 -11.00 8.16
CA VAL B 135 -5.75 -9.57 7.94
C VAL B 135 -5.73 -9.39 6.43
N ASP B 136 -6.44 -8.39 5.94
CA ASP B 136 -6.53 -8.15 4.49
C ASP B 136 -6.25 -6.68 4.32
N LEU B 137 -5.33 -6.35 3.44
CA LEU B 137 -4.87 -4.96 3.24
C LEU B 137 -5.51 -4.28 2.00
N ARG B 138 -6.40 -4.94 1.28
CA ARG B 138 -6.79 -4.40 0.02
C ARG B 138 -7.59 -3.09 0.13
N LEU B 139 -8.45 -2.98 1.15
CA LEU B 139 -9.16 -1.73 1.31
C LEU B 139 -8.25 -0.63 1.87
N PHE B 140 -7.30 -0.98 2.72
CA PHE B 140 -6.33 -0.01 3.12
C PHE B 140 -5.69 0.57 1.87
N ASP B 141 -5.22 -0.31 1.00
CA ASP B 141 -4.44 0.15 -0.10
C ASP B 141 -5.35 0.96 -1.05
N HIS B 142 -6.56 0.50 -1.22
CA HIS B 142 -7.50 1.28 -2.03
C HIS B 142 -7.63 2.73 -1.56
N PHE B 143 -7.98 2.92 -0.28
CA PHE B 143 -8.13 4.29 0.22
C PHE B 143 -6.82 5.06 0.36
N ASN B 144 -5.72 4.38 0.59
CA ASN B 144 -4.43 5.09 0.65
C ASN B 144 -4.16 5.64 -0.78
N ALA B 145 -4.56 4.87 -1.77
CA ALA B 145 -4.37 5.31 -3.18
C ALA B 145 -5.26 6.54 -3.49
N GLN B 146 -6.44 6.57 -2.97
CA GLN B 146 -7.39 7.62 -3.31
C GLN B 146 -7.18 8.87 -2.49
N VAL B 147 -6.83 8.74 -1.20
CA VAL B 147 -6.64 9.97 -0.41
C VAL B 147 -5.22 10.33 0.05
N GLY B 148 -4.26 9.46 -0.21
CA GLY B 148 -2.89 9.71 0.23
C GLY B 148 -2.32 10.79 -0.67
N LEU B 149 -1.21 11.38 -0.27
CA LEU B 149 -0.61 12.51 -0.99
C LEU B 149 0.87 12.25 -1.18
N ASP B 150 1.46 12.87 -2.22
CA ASP B 150 2.91 12.86 -2.38
C ASP B 150 3.63 13.82 -1.46
N ARG B 151 4.97 13.79 -1.46
CA ARG B 151 5.69 14.50 -0.44
C ARG B 151 5.35 15.98 -0.54
N ALA B 152 5.39 16.55 -1.73
CA ALA B 152 5.16 18.00 -1.89
C ALA B 152 3.76 18.44 -1.36
N GLN B 153 2.75 17.65 -1.65
CA GLN B 153 1.40 17.86 -1.23
C GLN B 153 1.30 17.72 0.25
N CYS B 154 2.01 16.75 0.82
CA CYS B 154 2.00 16.60 2.28
C CYS B 154 2.59 17.88 2.93
N ALA B 155 3.69 18.37 2.35
CA ALA B 155 4.31 19.63 2.87
C ALA B 155 3.29 20.78 2.75
N VAL B 156 2.56 20.87 1.64
CA VAL B 156 1.55 21.96 1.50
C VAL B 156 0.47 21.83 2.59
N ALA B 157 -0.04 20.62 2.80
CA ALA B 157 -1.04 20.37 3.84
C ALA B 157 -0.54 20.79 5.24
N THR B 158 0.72 20.55 5.56
CA THR B 158 1.18 20.91 6.87
C THR B 158 1.16 22.46 7.10
N THR B 159 1.33 23.25 6.05
CA THR B 159 1.25 24.74 6.16
C THR B 159 -0.18 25.17 6.36
N LYS B 160 -1.16 24.30 6.15
CA LYS B 160 -2.56 24.70 6.32
C LYS B 160 -3.33 24.07 7.51
N LEU B 161 -2.64 23.32 8.36
CA LEU B 161 -3.27 22.48 9.36
C LEU B 161 -2.48 22.65 10.61
N ILE B 162 -3.16 22.64 11.75
CA ILE B 162 -2.45 22.71 13.03
C ILE B 162 -1.65 21.38 13.20
N LYS B 163 -0.60 21.45 14.00
CA LYS B 163 0.35 20.38 14.25
C LYS B 163 -0.30 19.04 14.66
N GLU B 164 -1.39 19.12 15.42
CA GLU B 164 -2.10 17.97 15.88
C GLU B 164 -2.94 17.35 14.82
N SER B 165 -3.01 17.95 13.62
CA SER B 165 -3.73 17.32 12.50
C SER B 165 -2.85 17.03 11.28
N HIS B 166 -1.57 16.79 11.49
CA HIS B 166 -0.69 16.44 10.41
C HIS B 166 -0.63 14.93 10.17
N ASN B 167 -1.75 14.37 9.80
CA ASN B 167 -1.87 12.94 9.60
C ASN B 167 -2.87 12.66 8.53
N ILE B 168 -2.81 11.46 7.99
CA ILE B 168 -3.69 10.94 6.95
C ILE B 168 -4.39 9.67 7.39
N VAL B 169 -3.79 8.85 8.27
CA VAL B 169 -4.43 7.60 8.67
C VAL B 169 -4.30 7.41 10.17
N CYS B 170 -5.20 6.62 10.75
CA CYS B 170 -5.24 6.20 12.15
C CYS B 170 -5.56 4.72 12.10
N THR B 171 -5.09 3.95 13.05
CA THR B 171 -5.35 2.52 13.14
C THR B 171 -6.00 2.13 14.48
N SER B 172 -6.99 1.23 14.50
CA SER B 172 -7.51 0.69 15.76
C SER B 172 -7.39 -0.80 15.67
N LEU B 173 -7.29 -1.47 16.81
CA LEU B 173 -7.11 -2.88 16.88
C LEU B 173 -8.12 -3.39 17.87
N ASP B 174 -9.13 -4.13 17.41
CA ASP B 174 -10.09 -4.74 18.35
C ASP B 174 -9.56 -6.04 18.91
N LEU B 175 -9.58 -6.14 20.23
CA LEU B 175 -9.03 -7.31 20.89
C LEU B 175 -10.21 -8.23 21.21
N LYS B 176 -10.65 -8.95 20.20
CA LYS B 176 -11.96 -9.52 20.19
C LYS B 176 -11.92 -10.96 19.91
N ASP B 177 -12.70 -11.64 20.74
CA ASP B 177 -12.69 -13.07 20.84
C ASP B 177 -11.24 -13.32 21.31
N GLY B 178 -10.48 -14.10 20.59
CA GLY B 178 -9.07 -14.20 20.88
C GLY B 178 -8.18 -13.69 19.78
N GLU B 179 -8.65 -12.73 19.02
CA GLU B 179 -7.96 -12.29 17.83
C GLU B 179 -7.63 -10.83 17.98
N VAL B 180 -6.87 -10.30 17.03
CA VAL B 180 -6.60 -8.88 16.86
C VAL B 180 -7.23 -8.50 15.52
N ILE B 181 -8.16 -7.57 15.56
CA ILE B 181 -8.90 -7.19 14.36
C ILE B 181 -8.62 -5.77 14.03
N PRO B 182 -7.84 -5.49 12.93
CA PRO B 182 -7.51 -4.13 12.62
C PRO B 182 -8.56 -3.38 11.81
N LYS B 183 -8.66 -2.08 12.05
CA LYS B 183 -9.51 -1.20 11.30
C LYS B 183 -8.75 0.08 11.10
N VAL B 184 -9.00 0.77 10.01
CA VAL B 184 -8.32 2.05 9.81
C VAL B 184 -9.27 3.16 9.39
N TYR B 185 -8.82 4.38 9.55
CA TYR B 185 -9.58 5.59 9.17
C TYR B 185 -8.65 6.48 8.43
N PHE B 186 -9.13 6.96 7.30
CA PHE B 186 -8.38 7.85 6.45
C PHE B 186 -9.02 9.22 6.53
N SER B 187 -8.19 10.24 6.65
CA SER B 187 -8.69 11.58 6.64
C SER B 187 -8.77 12.13 5.27
N THR B 188 -9.87 12.82 4.99
CA THR B 188 -10.06 13.49 3.72
C THR B 188 -9.52 14.91 3.64
N ILE B 189 -9.23 15.54 4.78
CA ILE B 189 -8.96 16.97 4.81
C ILE B 189 -7.69 17.35 4.12
N PRO B 190 -6.61 16.58 4.34
CA PRO B 190 -5.38 17.02 3.62
C PRO B 190 -5.53 17.05 2.10
N LYS B 191 -6.18 16.05 1.54
CA LYS B 191 -6.39 16.01 0.09
C LYS B 191 -7.36 17.13 -0.38
N GLY B 192 -8.42 17.37 0.37
CA GLY B 192 -9.31 18.50 0.10
C GLY B 192 -8.61 19.84 0.11
N LEU B 193 -7.79 20.07 1.12
CA LEU B 193 -7.04 21.32 1.21
C LEU B 193 -6.06 21.50 0.08
N VAL B 194 -5.38 20.43 -0.28
CA VAL B 194 -4.28 20.62 -1.19
C VAL B 194 -4.85 20.64 -2.61
N THR B 195 -5.87 19.87 -2.88
CA THR B 195 -6.40 19.83 -4.20
C THR B 195 -7.50 20.87 -4.42
N GLU B 196 -7.95 21.49 -3.34
CA GLU B 196 -9.07 22.41 -3.39
C GLU B 196 -10.23 21.75 -4.05
N THR B 197 -10.57 20.57 -3.58
CA THR B 197 -11.70 19.75 -4.06
C THR B 197 -12.66 19.65 -2.88
N PRO B 198 -13.99 19.64 -3.14
CA PRO B 198 -14.92 19.49 -2.04
C PRO B 198 -14.78 18.12 -1.35
N LEU B 199 -14.83 18.13 -0.02
CA LEU B 199 -14.64 16.93 0.78
C LEU B 199 -15.69 15.91 0.42
N PHE B 200 -16.91 16.37 0.23
CA PHE B 200 -17.98 15.48 -0.25
C PHE B 200 -17.65 14.75 -1.57
N ASP B 201 -17.18 15.50 -2.58
CA ASP B 201 -16.87 14.89 -3.88
C ASP B 201 -15.75 13.87 -3.72
N LEU B 202 -14.70 14.21 -2.99
CA LEU B 202 -13.56 13.30 -2.82
C LEU B 202 -13.91 12.03 -2.14
N THR B 203 -14.72 12.16 -1.12
CA THR B 203 -15.10 11.01 -0.32
C THR B 203 -15.85 10.03 -1.14
N PHE B 204 -16.93 10.51 -1.81
CA PHE B 204 -17.74 9.62 -2.62
C PHE B 204 -17.02 9.16 -3.86
N ALA B 205 -16.15 9.96 -4.45
CA ALA B 205 -15.40 9.43 -5.62
C ALA B 205 -14.49 8.25 -5.21
N ALA B 206 -13.79 8.38 -4.08
CA ALA B 206 -12.91 7.28 -3.59
C ALA B 206 -13.75 6.08 -3.33
N ILE B 207 -14.92 6.27 -2.73
CA ILE B 207 -15.79 5.12 -2.46
C ILE B 207 -16.30 4.46 -3.73
N GLU B 208 -16.70 5.26 -4.70
CA GLU B 208 -17.31 4.74 -5.93
C GLU B 208 -16.30 4.00 -6.80
N GLN B 209 -15.01 4.20 -6.53
CA GLN B 209 -13.97 3.45 -7.24
C GLN B 209 -13.57 2.14 -6.55
N MET B 210 -14.18 1.81 -5.39
CA MET B 210 -13.91 0.52 -4.77
C MET B 210 -14.36 -0.62 -5.66
N GLU B 211 -13.62 -1.73 -5.65
CA GLU B 211 -13.98 -2.96 -6.38
C GLU B 211 -15.33 -3.47 -5.93
N VAL B 212 -15.52 -3.52 -4.63
CA VAL B 212 -16.77 -4.05 -4.07
C VAL B 212 -18.02 -3.22 -4.39
N TYR B 213 -17.87 -1.91 -4.51
CA TYR B 213 -18.94 -1.02 -4.95
C TYR B 213 -19.38 -1.43 -6.37
N HIS B 214 -18.41 -1.66 -7.25
CA HIS B 214 -18.72 -2.18 -8.60
C HIS B 214 -19.45 -3.53 -8.65
N LYS B 215 -19.26 -4.38 -7.67
CA LYS B 215 -19.91 -5.68 -7.62
C LYS B 215 -21.17 -5.74 -6.77
N ASP B 216 -21.43 -4.75 -5.93
CA ASP B 216 -22.52 -4.91 -4.94
C ASP B 216 -23.62 -3.85 -5.07
N ALA B 217 -24.73 -4.24 -5.68
CA ALA B 217 -25.87 -3.35 -5.92
C ALA B 217 -26.46 -2.77 -4.63
N PRO B 218 -26.69 -3.62 -3.62
CA PRO B 218 -27.14 -3.11 -2.32
C PRO B 218 -26.28 -1.97 -1.73
N LEU B 219 -24.95 -2.10 -1.76
CA LEU B 219 -24.08 -1.03 -1.24
C LEU B 219 -24.26 0.22 -2.03
N ARG B 220 -24.36 0.10 -3.34
CA ARG B 220 -24.55 1.27 -4.15
C ARG B 220 -25.90 1.97 -3.80
N THR B 221 -26.92 1.20 -3.44
CA THR B 221 -28.23 1.77 -3.05
C THR B 221 -28.13 2.48 -1.72
N ALA B 222 -27.44 1.85 -0.77
CA ALA B 222 -27.25 2.51 0.53
C ALA B 222 -26.48 3.76 0.37
N LEU B 223 -25.41 3.71 -0.44
CA LEU B 223 -24.58 4.91 -0.65
C LEU B 223 -25.32 6.03 -1.34
N SER B 224 -26.18 5.68 -2.30
CA SER B 224 -27.00 6.74 -2.90
C SER B 224 -27.97 7.38 -1.89
N SER B 225 -28.60 6.63 -0.98
CA SER B 225 -29.40 7.29 0.10
C SER B 225 -28.53 8.15 1.00
N LEU B 226 -27.34 7.67 1.35
CA LEU B 226 -26.51 8.49 2.22
C LEU B 226 -26.10 9.81 1.53
N LYS B 227 -25.73 9.74 0.25
CA LYS B 227 -25.31 10.96 -0.47
C LYS B 227 -26.45 11.99 -0.54
N ASP B 228 -27.66 11.51 -0.77
CA ASP B 228 -28.86 12.37 -0.77
C ASP B 228 -28.96 13.06 0.55
N PHE B 229 -28.76 12.30 1.62
CA PHE B 229 -28.91 12.86 2.97
C PHE B 229 -27.81 13.86 3.19
N LEU B 230 -26.55 13.51 2.85
CA LEU B 230 -25.42 14.38 3.12
C LEU B 230 -25.28 15.62 2.25
N ARG B 231 -25.59 15.48 0.97
CA ARG B 231 -25.27 16.53 0.00
C ARG B 231 -25.71 17.90 0.46
N PRO B 232 -26.98 18.02 0.95
CA PRO B 232 -27.41 19.37 1.39
C PRO B 232 -26.81 19.84 2.71
N ARG B 233 -26.20 18.94 3.45
CA ARG B 233 -25.77 19.21 4.82
C ARG B 233 -24.29 19.50 4.94
N VAL B 234 -23.51 19.04 3.98
CA VAL B 234 -22.10 19.34 4.04
C VAL B 234 -21.77 20.33 2.91
N PRO B 235 -20.59 20.97 2.94
CA PRO B 235 -20.33 22.01 1.92
C PRO B 235 -20.29 21.51 0.50
N THR B 236 -20.65 22.39 -0.44
CA THR B 236 -20.57 22.05 -1.87
C THR B 236 -19.27 22.62 -2.41
N ASP B 237 -18.72 23.61 -1.72
CA ASP B 237 -17.46 24.18 -2.10
C ASP B 237 -16.31 23.37 -1.43
N ALA B 238 -15.11 23.84 -1.63
CA ALA B 238 -13.92 23.21 -1.07
C ALA B 238 -13.61 23.60 0.38
N SER B 239 -14.50 24.31 1.06
CA SER B 239 -14.18 24.89 2.38
C SER B 239 -14.13 23.77 3.42
N ILE B 240 -13.44 24.03 4.52
CA ILE B 240 -13.43 23.11 5.69
C ILE B 240 -14.36 23.63 6.78
N THR B 241 -15.64 23.57 6.44
CA THR B 241 -16.74 24.11 7.22
C THR B 241 -17.46 22.90 7.74
N PRO B 242 -17.29 22.63 9.07
CA PRO B 242 -18.19 21.62 9.65
C PRO B 242 -19.65 22.07 9.56
N PRO B 243 -20.59 21.12 9.45
CA PRO B 243 -20.45 19.66 9.31
C PRO B 243 -19.79 19.24 8.00
N LEU B 244 -18.87 18.25 8.06
CA LEU B 244 -18.14 17.79 6.88
C LEU B 244 -17.78 16.27 6.93
N THR B 245 -17.56 15.67 5.78
CA THR B 245 -17.19 14.25 5.64
C THR B 245 -15.66 14.20 5.84
N GLY B 246 -15.22 13.94 7.08
CA GLY B 246 -13.85 14.07 7.47
C GLY B 246 -13.00 12.79 7.50
N LEU B 247 -13.63 11.61 7.60
CA LEU B 247 -12.92 10.34 7.61
C LEU B 247 -13.70 9.30 6.92
N ILE B 248 -12.97 8.39 6.33
CA ILE B 248 -13.45 7.15 5.79
C ILE B 248 -12.81 6.02 6.55
N GLY B 249 -13.63 5.14 7.10
CA GLY B 249 -13.17 4.00 7.85
C GLY B 249 -13.42 2.68 7.11
N VAL B 250 -12.44 1.77 7.14
CA VAL B 250 -12.69 0.41 6.73
C VAL B 250 -12.14 -0.59 7.73
N ASP B 251 -12.62 -1.83 7.70
CA ASP B 251 -12.09 -2.94 8.46
C ASP B 251 -11.08 -3.66 7.55
N CYS B 252 -9.95 -4.10 8.11
CA CYS B 252 -8.88 -4.76 7.32
C CYS B 252 -9.13 -6.22 7.24
N ILE B 253 -10.27 -6.52 6.61
CA ILE B 253 -10.75 -7.86 6.37
C ILE B 253 -11.22 -7.99 4.90
N ASP B 254 -11.64 -9.22 4.55
CA ASP B 254 -12.17 -9.51 3.21
C ASP B 254 -13.09 -8.39 2.78
N PRO B 255 -12.78 -7.72 1.65
CA PRO B 255 -13.59 -6.55 1.33
C PRO B 255 -15.11 -6.78 1.31
N MET B 256 -15.55 -8.00 1.05
CA MET B 256 -16.99 -8.24 0.94
C MET B 256 -17.61 -8.33 2.33
N LEU B 257 -16.80 -8.42 3.38
CA LEU B 257 -17.28 -8.38 4.78
C LEU B 257 -17.06 -7.03 5.50
N SER B 258 -16.18 -6.20 4.96
CA SER B 258 -15.78 -4.99 5.65
C SER B 258 -16.92 -3.99 5.76
N ARG B 259 -17.11 -3.41 6.93
CA ARG B 259 -17.99 -2.25 7.05
C ARG B 259 -17.28 -1.01 6.50
N LEU B 260 -17.96 -0.25 5.64
CA LEU B 260 -17.50 1.00 5.16
C LEU B 260 -18.11 2.11 6.02
N LYS B 261 -17.28 2.98 6.59
CA LYS B 261 -17.74 4.08 7.46
C LYS B 261 -17.44 5.47 6.91
N VAL B 262 -18.44 6.33 7.02
CA VAL B 262 -18.33 7.67 6.62
C VAL B 262 -18.62 8.45 7.87
N TYR B 263 -17.61 9.21 8.27
CA TYR B 263 -17.62 9.94 9.51
C TYR B 263 -17.80 11.44 9.23
N LEU B 264 -18.85 12.03 9.77
CA LEU B 264 -18.99 13.49 9.81
C LEU B 264 -18.42 14.10 11.06
N ALA B 265 -17.76 15.23 10.93
CA ALA B 265 -17.37 15.99 12.09
C ALA B 265 -18.19 17.26 12.08
N THR B 266 -18.61 17.72 13.26
CA THR B 266 -19.26 18.98 13.41
C THR B 266 -19.06 19.52 14.82
N PHE B 267 -19.16 20.83 14.94
CA PHE B 267 -19.04 21.53 16.18
C PHE B 267 -20.36 21.94 16.81
N ARG B 268 -21.47 21.77 16.10
CA ARG B 268 -22.82 21.97 16.67
C ARG B 268 -23.61 20.69 16.88
N MET B 269 -24.17 20.58 18.05
CA MET B 269 -25.09 19.50 18.33
C MET B 269 -26.10 20.04 19.29
N ASP B 270 -27.35 19.78 19.02
CA ASP B 270 -28.43 20.03 19.95
C ASP B 270 -29.47 19.01 19.55
N LEU B 271 -30.58 18.99 20.26
CA LEU B 271 -31.60 17.97 20.06
C LEU B 271 -32.01 17.84 18.61
N SER B 272 -32.28 18.96 17.92
CA SER B 272 -32.72 18.89 16.51
C SER B 272 -31.74 18.17 15.66
N LEU B 273 -30.49 18.54 15.85
CA LEU B 273 -29.45 17.95 15.06
C LEU B 273 -29.25 16.47 15.39
N ILE B 274 -29.33 16.06 16.66
CA ILE B 274 -29.19 14.67 17.00
C ILE B 274 -30.26 13.86 16.27
N ARG B 275 -31.48 14.38 16.33
CA ARG B 275 -32.61 13.69 15.68
C ARG B 275 -32.40 13.59 14.20
N ASP B 276 -31.97 14.68 13.60
CA ASP B 276 -31.68 14.68 12.15
C ASP B 276 -30.58 13.63 11.76
N TYR B 277 -29.48 13.64 12.52
CA TYR B 277 -28.40 12.72 12.19
C TYR B 277 -28.83 11.29 12.40
N TRP B 278 -29.48 11.06 13.54
CA TRP B 278 -29.81 9.71 13.96
C TRP B 278 -30.81 9.04 13.05
N THR B 279 -31.78 9.81 12.54
CA THR B 279 -32.86 9.24 11.74
C THR B 279 -32.63 9.47 10.24
N LEU B 280 -31.49 10.08 9.90
CA LEU B 280 -31.25 10.51 8.52
C LEU B 280 -32.38 11.38 7.98
N GLY B 281 -32.63 12.46 8.71
CA GLY B 281 -33.64 13.46 8.32
C GLY B 281 -35.02 12.89 8.10
N GLY B 282 -35.41 11.89 8.87
CA GLY B 282 -36.77 11.37 8.79
C GLY B 282 -36.92 10.13 7.97
N LEU B 283 -35.87 9.69 7.31
CA LEU B 283 -35.87 8.39 6.58
C LEU B 283 -36.20 7.18 7.47
N LEU B 284 -35.67 7.16 8.71
CA LEU B 284 -35.81 6.03 9.61
C LEU B 284 -36.76 6.41 10.72
N THR B 285 -37.85 5.65 10.84
CA THR B 285 -38.93 5.99 11.75
C THR B 285 -39.42 4.77 12.52
N ASP B 286 -38.72 3.65 12.39
CA ASP B 286 -39.04 2.39 13.09
C ASP B 286 -38.77 2.40 14.57
N ALA B 287 -39.33 1.43 15.27
CA ALA B 287 -39.31 1.34 16.72
C ALA B 287 -37.89 1.21 17.26
N GLY B 288 -37.05 0.42 16.59
CA GLY B 288 -35.61 0.26 16.97
C GLY B 288 -34.83 1.53 16.87
N THR B 289 -34.96 2.19 15.74
CA THR B 289 -34.42 3.53 15.61
C THR B 289 -34.81 4.44 16.73
N MET B 290 -36.13 4.51 17.05
CA MET B 290 -36.63 5.47 18.04
C MET B 290 -36.13 5.12 19.43
N LYS B 291 -36.01 3.85 19.71
CA LYS B 291 -35.51 3.41 21.01
C LYS B 291 -34.04 3.86 21.18
N GLY B 292 -33.25 3.64 20.14
CA GLY B 292 -31.93 4.27 20.07
C GLY B 292 -31.91 5.78 20.31
N LEU B 293 -32.74 6.52 19.58
CA LEU B 293 -32.83 7.97 19.75
C LEU B 293 -33.10 8.37 21.23
N GLU B 294 -33.99 7.66 21.89
CA GLU B 294 -34.37 7.99 23.29
C GLU B 294 -33.13 7.83 24.20
N MET B 295 -32.40 6.75 23.98
CA MET B 295 -31.11 6.53 24.62
C MET B 295 -30.18 7.69 24.42
N VAL B 296 -29.96 8.07 23.20
CA VAL B 296 -28.99 9.10 22.87
C VAL B 296 -29.39 10.48 23.48
N GLU B 297 -30.68 10.82 23.41
CA GLU B 297 -31.19 12.01 24.01
C GLU B 297 -31.00 12.01 25.53
N THR B 298 -31.28 10.90 26.16
CA THR B 298 -31.13 10.77 27.59
C THR B 298 -29.66 10.96 27.94
N LEU B 299 -28.77 10.32 27.19
CA LEU B 299 -27.33 10.39 27.47
C LEU B 299 -26.89 11.82 27.38
N ALA B 300 -27.30 12.51 26.32
CA ALA B 300 -26.97 13.94 26.16
C ALA B 300 -27.44 14.79 27.37
N LYS B 301 -28.65 14.54 27.88
CA LYS B 301 -29.17 15.29 29.01
C LYS B 301 -28.39 14.98 30.27
N THR B 302 -28.13 13.72 30.51
CA THR B 302 -27.36 13.33 31.68
C THR B 302 -25.95 13.89 31.67
N LEU B 303 -25.36 14.07 30.49
CA LEU B 303 -24.05 14.67 30.41
C LEU B 303 -24.16 16.15 30.47
N LEU B 318 -12.73 19.82 20.62
CA LEU B 318 -12.99 18.60 19.82
C LEU B 318 -14.41 18.57 19.17
N PRO B 319 -14.52 18.10 17.91
CA PRO B 319 -15.83 18.04 17.25
C PRO B 319 -16.67 16.88 17.67
N PHE B 320 -18.00 17.02 17.58
CA PHE B 320 -18.86 15.87 17.64
C PHE B 320 -18.66 15.01 16.35
N GLY B 321 -18.88 13.71 16.47
CA GLY B 321 -18.73 12.84 15.33
C GLY B 321 -19.99 12.09 15.08
N ILE B 322 -20.24 11.78 13.81
CA ILE B 322 -21.37 10.93 13.43
C ILE B 322 -20.91 9.94 12.40
N ASN B 323 -20.99 8.66 12.72
CA ASN B 323 -20.41 7.65 11.89
C ASN B 323 -21.46 6.73 11.25
N TYR B 324 -21.62 6.83 9.94
CA TYR B 324 -22.57 6.02 9.18
C TYR B 324 -21.81 4.82 8.63
N ALA B 325 -22.22 3.63 9.07
CA ALA B 325 -21.58 2.37 8.76
C ALA B 325 -22.45 1.59 7.80
N MET B 326 -21.84 1.13 6.70
CA MET B 326 -22.51 0.32 5.69
C MET B 326 -21.77 -0.97 5.33
N LYS B 327 -22.53 -2.01 5.03
CA LYS B 327 -21.96 -3.32 4.75
C LYS B 327 -22.38 -3.77 3.34
N PRO B 328 -21.46 -4.37 2.58
CA PRO B 328 -21.93 -5.01 1.35
C PRO B 328 -23.09 -5.98 1.62
N GLY B 329 -24.07 -6.03 0.72
CA GLY B 329 -25.24 -6.89 0.89
C GLY B 329 -26.42 -6.21 1.58
N THR B 330 -26.23 -5.00 2.10
CA THR B 330 -27.30 -4.32 2.80
C THR B 330 -27.66 -3.07 2.04
N ALA B 331 -28.92 -2.98 1.61
CA ALA B 331 -29.37 -1.86 0.80
C ALA B 331 -29.81 -0.64 1.62
N GLU B 332 -30.19 -0.88 2.85
CA GLU B 332 -30.85 0.08 3.70
C GLU B 332 -29.87 0.61 4.77
N LEU B 333 -29.93 1.91 5.03
CA LEU B 333 -29.07 2.55 6.03
C LEU B 333 -29.63 2.36 7.41
N ALA B 334 -28.71 2.25 8.36
CA ALA B 334 -29.00 2.20 9.79
C ALA B 334 -28.62 3.53 10.47
N PRO B 335 -29.07 3.75 11.74
CA PRO B 335 -28.66 4.87 12.51
C PRO B 335 -27.14 4.86 12.72
N PRO B 336 -26.54 6.05 12.74
CA PRO B 336 -25.09 6.13 12.89
C PRO B 336 -24.71 5.88 14.36
N GLN B 337 -23.40 5.77 14.61
CA GLN B 337 -22.90 5.92 15.96
C GLN B 337 -22.58 7.40 16.18
N ILE B 338 -22.94 7.95 17.34
CA ILE B 338 -22.68 9.36 17.61
C ILE B 338 -21.58 9.46 18.68
N TYR B 339 -20.61 10.33 18.44
CA TYR B 339 -19.47 10.52 19.35
C TYR B 339 -19.54 11.87 20.02
N PHE B 340 -19.56 11.83 21.35
CA PHE B 340 -19.46 13.02 22.24
C PHE B 340 -18.03 13.24 22.77
N PRO B 341 -17.44 14.40 22.46
CA PRO B 341 -16.16 14.76 23.04
C PRO B 341 -16.31 15.10 24.56
N LEU B 342 -15.40 14.62 25.39
CA LEU B 342 -15.48 14.80 26.85
C LEU B 342 -14.30 15.56 27.46
N LEU B 343 -13.38 16.00 26.61
CA LEU B 343 -12.21 16.73 27.06
C LEU B 343 -12.69 18.02 27.72
N GLY B 344 -12.12 18.38 28.86
CA GLY B 344 -12.57 19.58 29.57
C GLY B 344 -13.65 19.31 30.62
N ILE B 345 -14.30 18.16 30.59
CA ILE B 345 -15.33 17.86 31.61
C ILE B 345 -14.74 16.98 32.68
N ASN B 346 -15.03 17.29 33.95
CA ASN B 346 -14.60 16.50 35.10
C ASN B 346 -14.85 14.97 35.00
N ASP B 347 -13.79 14.20 35.17
CA ASP B 347 -13.85 12.74 34.99
C ASP B 347 -14.64 12.04 36.08
N GLY B 348 -14.63 12.60 37.29
CA GLY B 348 -15.53 12.07 38.35
C GLY B 348 -16.98 12.39 38.01
N PHE B 349 -17.25 13.57 37.48
CA PHE B 349 -18.63 13.88 37.02
C PHE B 349 -19.07 12.86 35.94
N ILE B 350 -18.18 12.66 34.95
CA ILE B 350 -18.46 11.72 33.87
C ILE B 350 -18.76 10.35 34.45
N ALA B 351 -17.99 9.90 35.39
CA ALA B 351 -18.22 8.57 35.94
C ALA B 351 -19.63 8.48 36.60
N ASP B 352 -19.97 9.50 37.38
CA ASP B 352 -21.27 9.58 38.08
C ASP B 352 -22.38 9.61 37.04
N ALA B 353 -22.20 10.40 35.99
CA ALA B 353 -23.16 10.39 34.86
C ALA B 353 -23.36 9.02 34.18
N LEU B 354 -22.26 8.30 33.94
CA LEU B 354 -22.34 7.04 33.26
C LEU B 354 -23.04 6.01 34.13
N VAL B 355 -22.75 6.01 35.42
CA VAL B 355 -23.43 5.17 36.38
C VAL B 355 -24.91 5.42 36.22
N GLU B 356 -25.30 6.70 36.28
CA GLU B 356 -26.72 7.06 36.04
C GLU B 356 -27.28 6.50 34.71
N PHE B 357 -26.56 6.74 33.61
CA PHE B 357 -26.98 6.21 32.29
C PHE B 357 -27.05 4.69 32.25
N PHE B 358 -26.06 4.00 32.84
CA PHE B 358 -26.11 2.57 32.91
C PHE B 358 -27.35 2.06 33.68
N GLN B 359 -27.67 2.71 34.78
CA GLN B 359 -28.86 2.36 35.50
C GLN B 359 -30.07 2.52 34.58
N TYR B 360 -30.22 3.69 33.95
CA TYR B 360 -31.31 3.91 32.98
C TYR B 360 -31.42 2.83 31.92
N MET B 361 -30.30 2.32 31.41
CA MET B 361 -30.33 1.26 30.43
C MET B 361 -30.63 -0.06 31.05
N GLY B 362 -30.69 -0.13 32.37
CA GLY B 362 -30.91 -1.41 33.06
C GLY B 362 -29.64 -2.26 33.16
N TRP B 363 -28.45 -1.67 32.95
CA TRP B 363 -27.18 -2.43 33.07
C TRP B 363 -26.69 -2.24 34.51
N GLU B 364 -27.34 -2.91 35.45
CA GLU B 364 -27.10 -2.64 36.87
C GLU B 364 -25.66 -3.03 37.24
N ASP B 365 -25.25 -4.20 36.81
CA ASP B 365 -23.88 -4.64 37.08
C ASP B 365 -22.78 -3.64 36.58
N GLN B 366 -22.90 -3.19 35.33
CA GLN B 366 -22.00 -2.18 34.79
C GLN B 366 -22.05 -0.91 35.62
N ALA B 367 -23.24 -0.48 36.05
CA ALA B 367 -23.34 0.73 36.86
C ALA B 367 -22.61 0.56 38.18
N ASN B 368 -22.77 -0.60 38.78
CA ASN B 368 -22.26 -0.84 40.15
C ASN B 368 -20.75 -0.98 40.21
N ARG B 369 -20.13 -1.31 39.08
CA ARG B 369 -18.65 -1.46 39.05
C ARG B 369 -17.91 -0.34 38.32
N TYR B 370 -18.62 0.54 37.60
CA TYR B 370 -17.94 1.47 36.67
C TYR B 370 -16.92 2.34 37.36
N LYS B 371 -17.31 3.04 38.42
CA LYS B 371 -16.45 4.00 39.04
C LYS B 371 -15.23 3.37 39.74
N ASP B 372 -15.44 2.28 40.46
CA ASP B 372 -14.34 1.62 41.17
C ASP B 372 -13.37 1.01 40.13
N GLU B 373 -13.90 0.44 39.06
CA GLU B 373 -13.03 -0.07 38.02
C GLU B 373 -12.29 1.05 37.30
N LEU B 374 -12.90 2.21 37.14
CA LEU B 374 -12.22 3.32 36.47
C LEU B 374 -11.00 3.77 37.31
N LYS B 375 -11.21 3.91 38.63
CA LYS B 375 -10.16 4.27 39.50
C LYS B 375 -9.00 3.26 39.46
N ALA B 376 -9.34 1.96 39.44
CA ALA B 376 -8.34 0.94 39.45
C ALA B 376 -7.55 0.89 38.10
N LYS B 377 -8.18 1.33 36.98
CA LYS B 377 -7.51 1.47 35.68
C LYS B 377 -6.41 2.55 35.78
N PHE B 378 -6.69 3.65 36.46
CA PHE B 378 -5.85 4.85 36.53
C PHE B 378 -5.44 5.28 37.99
N PRO B 379 -4.76 4.37 38.72
CA PRO B 379 -4.37 4.55 40.11
C PRO B 379 -3.45 5.76 40.37
N ASN B 380 -2.71 6.23 39.39
CA ASN B 380 -1.87 7.38 39.61
C ASN B 380 -2.56 8.71 39.63
N VAL B 381 -3.85 8.78 39.33
CA VAL B 381 -4.52 10.03 39.16
C VAL B 381 -5.72 10.02 40.10
N ASP B 382 -6.23 11.19 40.40
CA ASP B 382 -7.44 11.33 41.21
C ASP B 382 -8.51 11.73 40.27
N ILE B 383 -9.47 10.83 39.95
CA ILE B 383 -10.40 11.19 38.87
C ILE B 383 -11.36 12.31 39.19
N SER B 384 -11.55 12.60 40.50
CA SER B 384 -12.36 13.77 40.85
C SER B 384 -11.66 15.09 40.50
N GLN B 385 -10.35 15.04 40.24
CA GLN B 385 -9.60 16.25 39.86
C GLN B 385 -9.16 16.37 38.42
N THR B 386 -9.32 15.32 37.62
CA THR B 386 -8.89 15.33 36.21
C THR B 386 -10.02 15.68 35.28
N LYS B 387 -9.68 16.26 34.15
CA LYS B 387 -10.64 16.52 33.11
C LYS B 387 -10.22 15.97 31.71
N ASN B 388 -9.12 15.22 31.64
CA ASN B 388 -8.68 14.70 30.33
C ASN B 388 -8.64 13.21 30.12
N VAL B 389 -8.96 12.42 31.14
CA VAL B 389 -8.87 10.96 31.09
C VAL B 389 -9.96 10.34 30.17
N HIS B 390 -11.23 10.74 30.34
CA HIS B 390 -12.26 10.34 29.40
C HIS B 390 -12.12 11.31 28.23
N ARG B 391 -11.90 10.83 27.04
CA ARG B 391 -11.76 11.75 25.93
C ARG B 391 -12.99 11.74 25.02
N TRP B 392 -13.62 10.59 24.83
CA TRP B 392 -14.74 10.47 23.92
C TRP B 392 -15.64 9.44 24.48
N LEU B 393 -16.89 9.56 24.11
CA LEU B 393 -17.87 8.55 24.33
C LEU B 393 -18.63 8.36 23.01
N GLY B 394 -18.80 7.10 22.55
CA GLY B 394 -19.58 6.75 21.37
C GLY B 394 -20.81 5.93 21.78
N VAL B 395 -21.95 6.24 21.19
CA VAL B 395 -23.14 5.43 21.45
C VAL B 395 -23.71 4.90 20.19
N ALA B 396 -24.17 3.65 20.25
CA ALA B 396 -24.72 2.97 19.13
C ALA B 396 -25.87 2.11 19.54
N TYR B 397 -26.73 1.85 18.55
CA TYR B 397 -27.86 0.96 18.71
C TYR B 397 -27.99 0.13 17.42
N SER B 398 -27.99 -1.17 17.55
CA SER B 398 -28.03 -2.01 16.36
C SER B 398 -29.27 -2.87 16.46
N GLU B 399 -29.99 -2.99 15.36
CA GLU B 399 -31.17 -3.89 15.31
C GLU B 399 -30.89 -5.31 15.84
N THR B 400 -29.69 -5.85 15.57
CA THR B 400 -29.40 -7.26 15.90
C THR B 400 -28.55 -7.41 17.16
N LYS B 401 -27.62 -6.48 17.31
CA LYS B 401 -26.64 -6.53 18.39
C LYS B 401 -27.11 -5.85 19.67
N GLY B 402 -27.97 -4.82 19.57
CA GLY B 402 -28.46 -4.12 20.77
C GLY B 402 -27.77 -2.77 20.95
N PRO B 403 -27.94 -2.15 22.12
CA PRO B 403 -27.21 -0.91 22.39
C PRO B 403 -25.79 -1.18 22.90
N SER B 404 -24.91 -0.25 22.61
CA SER B 404 -23.57 -0.36 23.10
C SER B 404 -23.03 1.03 23.31
N MET B 405 -21.99 1.11 24.10
CA MET B 405 -21.33 2.34 24.38
C MET B 405 -19.79 2.18 24.30
N ASN B 406 -19.15 3.12 23.64
CA ASN B 406 -17.72 3.05 23.46
C ASN B 406 -17.11 4.20 24.29
N ILE B 407 -16.19 3.86 25.21
CA ILE B 407 -15.54 4.88 26.05
C ILE B 407 -14.05 4.92 25.68
N TYR B 408 -13.53 6.06 25.26
CA TYR B 408 -12.17 6.25 24.87
C TYR B 408 -11.41 6.98 25.95
N TYR B 409 -10.31 6.38 26.38
CA TYR B 409 -9.46 6.92 27.47
C TYR B 409 -8.09 7.36 26.98
N ASP B 410 -7.71 8.54 27.46
CA ASP B 410 -6.36 9.07 27.26
C ASP B 410 -5.48 8.37 28.31
N VAL B 411 -5.04 7.17 27.96
CA VAL B 411 -4.30 6.29 28.86
C VAL B 411 -3.03 6.94 29.41
N VAL B 412 -2.33 7.71 28.60
CA VAL B 412 -1.13 8.41 29.11
C VAL B 412 -1.53 9.48 30.16
N ALA B 413 -2.61 10.26 29.91
CA ALA B 413 -3.12 11.23 30.88
C ALA B 413 -3.56 10.59 32.16
N GLY B 414 -4.02 9.34 32.08
CA GLY B 414 -4.43 8.54 33.22
C GLY B 414 -3.30 7.92 34.05
N ASN B 415 -2.06 8.05 33.56
CA ASN B 415 -0.91 7.39 34.17
C ASN B 415 0.13 8.39 34.63
N VAL B 416 0.11 9.60 34.16
CA VAL B 416 1.32 10.44 34.46
C VAL B 416 1.11 11.25 35.75
#